data_8DQ1
#
_entry.id   8DQ1
#
_cell.length_a   1.00
_cell.length_b   1.00
_cell.length_c   1.00
_cell.angle_alpha   90.00
_cell.angle_beta   90.00
_cell.angle_gamma   90.00
#
_symmetry.space_group_name_H-M   'P 1'
#
loop_
_entity.id
_entity.type
_entity.pdbx_description
1 polymer 'RhlR protein'
2 polymer '2-aminobenzoylacetyl-CoA thioesterase'
3 polymer "DNA (5'-D(*AP*CP*CP*TP*GP*CP*CP*AP*GP*AP*CP*TP*GP*CP*AP*CP*AP*G)-3')"
4 polymer "DNA (5'-D(*CP*TP*GP*TP*GP*CP*AP*GP*TP*CP*TP*GP*GP*CP*AP*GP*GP*T)-3')"
5 non-polymer 4-(3-bromophenoxy)-N-[(3S)-2-oxothiolan-3-yl]butanamide
#
loop_
_entity_poly.entity_id
_entity_poly.type
_entity_poly.pdbx_seq_one_letter_code
_entity_poly.pdbx_strand_id
1 'polypeptide(L)'
;MRNDGGFLLWWDGLRSEMQPIHDSQGVFAVLEKEVRRLGFDYYAYGVRHTIPFTRPKTEVHGTYPKAWLERYQMQNYGAV
DPAILNGLRSSEMVVWSDSLFDQSRMLWNEARDWGLCVGATLPIRAPNNLLSVLSVARDQQNISSFEREEIRLRLRCMIE
LLTQKLTDLEHPMLMSNPVCLSHREREILQWTADGKSSGEIAIILSISESTVNFHHKNIQKKFDAPNKTLAAAYAAALGL
I
;
C,D
2 'polypeptide(L)'
;MLRLSAPGQLDDDLCLLGDVQVPVFLLRLGEASWALVEGGISRDAELVWADLCRWVADPSQVHYWLITHKHYDHCGLLPY
LCPRLPNVQVLASERTCQAWKSESAVRVVERLNRQLLRAEQRLPEACAWDALPVRAVADGEWLELGPRHRLQVIEAHGHS
DDHVVFYDVRRRRLFCGDALGEFDEAEGVWRPLVFDDMEAYLESLERLQRLPTLLQLIPGHGGLLRGRLAADGAESAYTE
CLRLCRRLLWRQSMGESLDELSEELHRAWGGQSVDFLPGELHLGSMRRMLEILSRQALPLD
;
A,B
3 'polydeoxyribonucleotide' (DA)(DC)(DC)(DT)(DG)(DC)(DC)(DA)(DG)(DA)(DC)(DT)(DG)(DC)(DA)(DC)(DA)(DG) I
4 'polydeoxyribonucleotide' (DC)(DT)(DG)(DT)(DG)(DC)(DA)(DG)(DT)(DC)(DT)(DG)(DG)(DC)(DA)(DG)(DG)(DT) J
#
# COMPACT_ATOMS: atom_id res chain seq x y z
N MET A 1 -6.77 3.40 -7.88
CA MET A 1 -5.72 3.78 -6.94
C MET A 1 -6.27 3.65 -5.52
N ARG A 2 -7.58 3.79 -5.37
CA ARG A 2 -8.26 3.54 -4.10
C ARG A 2 -8.61 2.07 -3.94
N ASN A 3 -7.62 1.21 -4.11
CA ASN A 3 -7.78 -0.23 -4.04
C ASN A 3 -7.05 -0.87 -2.87
N ASP A 4 -5.82 -0.42 -2.57
CA ASP A 4 -5.10 -0.91 -1.41
C ASP A 4 -5.23 0.03 -0.22
N GLY A 5 -5.26 1.34 -0.44
CA GLY A 5 -5.43 2.31 0.62
C GLY A 5 -4.35 2.27 1.68
N GLY A 6 -4.72 1.83 2.88
CA GLY A 6 -3.83 1.41 3.94
C GLY A 6 -2.58 2.21 4.22
N PHE A 7 -1.44 1.57 4.01
CA PHE A 7 -0.15 2.17 4.34
C PHE A 7 0.13 3.38 3.46
N LEU A 8 -0.22 3.31 2.17
CA LEU A 8 -0.04 4.45 1.29
C LEU A 8 -0.89 5.62 1.75
N LEU A 9 -2.12 5.34 2.19
CA LEU A 9 -2.97 6.40 2.71
C LEU A 9 -2.37 7.02 3.95
N TRP A 10 -1.78 6.20 4.82
CA TRP A 10 -1.09 6.74 5.99
C TRP A 10 0.06 7.63 5.59
N TRP A 11 0.81 7.21 4.57
CA TRP A 11 1.97 7.99 4.15
C TRP A 11 1.55 9.34 3.57
N ASP A 12 0.50 9.36 2.75
CA ASP A 12 0.00 10.63 2.25
C ASP A 12 -0.50 11.51 3.38
N GLY A 13 -1.21 10.93 4.35
CA GLY A 13 -1.71 11.72 5.45
C GLY A 13 -0.59 12.31 6.29
N LEU A 14 0.44 11.51 6.58
CA LEU A 14 1.56 12.03 7.35
C LEU A 14 2.31 13.09 6.56
N ARG A 15 2.44 12.93 5.25
CA ARG A 15 3.11 13.95 4.47
C ARG A 15 2.34 15.27 4.49
N SER A 16 1.02 15.19 4.36
CA SER A 16 0.21 16.41 4.42
C SER A 16 0.31 17.07 5.78
N GLU A 17 0.30 16.27 6.84
CA GLU A 17 0.44 16.83 8.18
C GLU A 17 1.81 17.42 8.40
N MET A 18 2.84 16.82 7.79
CA MET A 18 4.21 17.27 8.03
C MET A 18 4.55 18.53 7.26
N GLN A 19 4.00 18.68 6.05
CA GLN A 19 4.48 19.69 5.11
C GLN A 19 4.38 21.12 5.66
N PRO A 20 3.21 21.64 6.04
CA PRO A 20 3.15 23.06 6.43
C PRO A 20 3.89 23.40 7.71
N ILE A 21 4.30 22.42 8.52
CA ILE A 21 5.07 22.73 9.72
C ILE A 21 6.44 23.25 9.30
N HIS A 22 6.89 24.32 9.95
CA HIS A 22 8.16 24.96 9.66
C HIS A 22 9.05 25.16 10.88
N ASP A 23 8.54 24.99 12.10
CA ASP A 23 9.37 24.98 13.29
C ASP A 23 9.87 23.57 13.52
N SER A 24 11.18 23.43 13.76
CA SER A 24 11.78 22.12 13.91
C SER A 24 11.22 21.38 15.11
N GLN A 25 10.97 22.11 16.20
CA GLN A 25 10.32 21.49 17.36
C GLN A 25 8.94 20.99 17.01
N GLY A 26 8.24 21.66 16.10
CA GLY A 26 6.99 21.12 15.60
C GLY A 26 7.17 19.81 14.87
N VAL A 27 8.25 19.70 14.08
CA VAL A 27 8.51 18.47 13.34
C VAL A 27 8.76 17.32 14.29
N PHE A 28 9.64 17.54 15.27
CA PHE A 28 9.87 16.50 16.27
C PHE A 28 8.62 16.23 17.08
N ALA A 29 7.77 17.23 17.30
CA ALA A 29 6.54 17.00 18.05
C ALA A 29 5.61 16.06 17.30
N VAL A 30 5.43 16.29 16.01
CA VAL A 30 4.55 15.40 15.24
C VAL A 30 5.17 14.01 15.10
N LEU A 31 6.49 13.94 15.00
CA LEU A 31 7.14 12.62 14.96
C LEU A 31 6.92 11.88 16.27
N GLU A 32 7.04 12.60 17.38
CA GLU A 32 6.77 12.06 18.71
C GLU A 32 5.33 11.58 18.82
N LYS A 33 4.40 12.34 18.25
CA LYS A 33 3.00 11.90 18.19
C LYS A 33 2.87 10.60 17.42
N GLU A 34 3.54 10.50 16.26
CA GLU A 34 3.41 9.30 15.45
C GLU A 34 4.01 8.09 16.15
N VAL A 35 5.15 8.20 16.78
CA VAL A 35 5.76 7.06 17.42
C VAL A 35 5.15 6.69 18.73
N ARG A 36 4.11 7.42 19.11
CA ARG A 36 3.40 7.12 20.32
C ARG A 36 2.24 6.28 19.82
N ARG A 37 1.75 6.64 18.65
CA ARG A 37 0.65 5.97 18.06
C ARG A 37 1.07 4.69 17.56
N LEU A 38 2.34 4.36 17.41
CA LEU A 38 2.64 2.96 17.04
C LEU A 38 2.67 1.99 18.27
N GLY A 39 2.64 2.56 19.48
CA GLY A 39 2.84 1.88 20.74
C GLY A 39 4.23 1.90 21.36
N PHE A 40 5.10 2.83 21.00
CA PHE A 40 6.42 2.89 21.61
C PHE A 40 6.55 4.18 22.40
N ASP A 41 7.15 4.09 23.57
CA ASP A 41 7.14 5.21 24.51
C ASP A 41 7.98 6.37 24.01
N TYR A 42 9.21 6.10 23.59
CA TYR A 42 10.22 7.12 23.32
C TYR A 42 10.82 6.91 21.94
N TYR A 43 11.38 7.99 21.41
CA TYR A 43 12.09 7.99 20.13
C TYR A 43 13.40 8.74 20.28
N ALA A 44 14.25 8.62 19.27
CA ALA A 44 15.50 9.36 19.23
C ALA A 44 16.11 9.37 17.83
N TYR A 45 16.31 10.56 17.28
CA TYR A 45 16.90 10.73 15.95
C TYR A 45 18.32 11.22 16.15
N GLY A 46 19.28 10.45 15.62
CA GLY A 46 20.69 10.76 15.76
C GLY A 46 21.34 10.85 14.40
N VAL A 47 22.39 11.67 14.32
CA VAL A 47 23.14 11.90 13.10
C VAL A 47 24.61 11.73 13.43
N ARG A 48 25.24 10.77 12.76
CA ARG A 48 26.69 10.56 12.86
C ARG A 48 27.34 11.26 11.69
N HIS A 49 28.12 12.30 12.00
CA HIS A 49 29.02 12.92 11.04
C HIS A 49 30.13 11.95 10.67
N THR A 50 30.92 12.34 9.69
CA THR A 50 32.24 11.74 9.45
C THR A 50 33.32 12.81 9.30
N ILE A 51 33.09 14.00 9.82
CA ILE A 51 34.06 15.10 9.70
C ILE A 51 35.27 14.73 10.54
N PRO A 52 35.22 14.71 11.87
CA PRO A 52 36.44 14.37 12.62
C PRO A 52 36.67 12.88 12.61
N PHE A 53 37.72 12.45 11.90
CA PHE A 53 37.94 11.01 11.69
C PHE A 53 38.24 10.31 13.01
N THR A 54 39.07 10.92 13.85
CA THR A 54 39.52 10.23 15.05
C THR A 54 38.38 10.07 16.05
N ARG A 55 37.56 11.10 16.22
CA ARG A 55 36.44 11.10 17.15
C ARG A 55 35.22 11.62 16.41
N PRO A 56 34.55 10.76 15.63
CA PRO A 56 33.37 11.22 14.88
C PRO A 56 32.26 11.70 15.81
N LYS A 57 31.98 13.00 15.73
CA LYS A 57 30.94 13.58 16.55
C LYS A 57 29.56 13.16 16.06
N THR A 58 28.67 12.89 17.01
CA THR A 58 27.34 12.37 16.75
C THR A 58 26.32 13.25 17.46
N GLU A 59 25.60 14.06 16.70
CA GLU A 59 24.63 14.99 17.25
C GLU A 59 23.27 14.33 17.26
N VAL A 60 22.58 14.41 18.39
CA VAL A 60 21.35 13.65 18.61
C VAL A 60 20.30 14.55 19.25
N HIS A 61 19.05 14.33 18.85
CA HIS A 61 17.89 14.89 19.55
C HIS A 61 16.91 13.76 19.76
N GLY A 62 16.04 13.94 20.74
CA GLY A 62 15.04 12.94 21.03
C GLY A 62 14.41 13.21 22.38
N THR A 63 13.66 12.23 22.85
CA THR A 63 12.97 12.30 24.13
C THR A 63 13.31 11.05 24.92
N TYR A 64 14.47 11.07 25.55
CA TYR A 64 14.82 10.21 26.66
C TYR A 64 15.07 11.17 27.82
N PRO A 65 15.10 10.73 29.07
CA PRO A 65 15.29 11.68 30.17
C PRO A 65 16.64 12.38 30.09
N LYS A 66 16.65 13.63 30.55
CA LYS A 66 17.71 14.55 30.18
C LYS A 66 19.05 14.17 30.80
N ALA A 67 19.04 13.55 31.98
CA ALA A 67 20.29 13.11 32.55
C ALA A 67 20.92 11.98 31.75
N TRP A 68 20.14 11.22 31.00
CA TRP A 68 20.73 10.19 30.15
C TRP A 68 21.37 10.79 28.90
N LEU A 69 20.79 11.89 28.39
CA LEU A 69 21.50 12.68 27.39
C LEU A 69 22.80 13.22 27.96
N GLU A 70 22.79 13.65 29.22
CA GLU A 70 24.02 14.11 29.85
C GLU A 70 25.02 12.96 29.96
N ARG A 71 24.53 11.75 30.21
CA ARG A 71 25.41 10.58 30.26
C ARG A 71 26.10 10.36 28.93
N TYR A 72 25.35 10.46 27.82
CA TYR A 72 25.97 10.49 26.50
C TYR A 72 27.04 11.56 26.40
N GLN A 73 26.65 12.82 26.51
CA GLN A 73 27.57 13.89 26.14
C GLN A 73 28.75 14.03 27.08
N MET A 74 28.71 13.42 28.27
CA MET A 74 29.87 13.39 29.16
C MET A 74 30.70 12.13 28.93
N GLN A 75 30.12 10.95 29.11
CA GLN A 75 30.92 9.73 28.94
C GLN A 75 31.16 9.38 27.49
N ASN A 76 30.46 10.02 26.55
CA ASN A 76 30.74 9.88 25.12
C ASN A 76 30.51 8.44 24.65
N TYR A 77 29.32 7.92 24.96
CA TYR A 77 28.95 6.59 24.49
C TYR A 77 28.52 6.55 23.03
N GLY A 78 28.52 7.69 22.33
CA GLY A 78 28.09 7.68 20.94
C GLY A 78 29.00 6.86 20.05
N ALA A 79 30.30 7.06 20.16
CA ALA A 79 31.24 6.35 19.30
C ALA A 79 31.26 4.85 19.60
N VAL A 80 31.19 4.50 20.89
CA VAL A 80 31.25 3.09 21.27
C VAL A 80 29.95 2.37 20.98
N ASP A 81 28.86 3.10 20.72
CA ASP A 81 27.58 2.48 20.41
C ASP A 81 27.69 1.65 19.14
N PRO A 82 27.24 0.37 19.15
CA PRO A 82 27.14 -0.36 17.88
C PRO A 82 25.78 -0.26 17.19
N ALA A 83 24.76 0.29 17.84
CA ALA A 83 23.51 0.53 17.13
C ALA A 83 23.70 1.55 16.02
N ILE A 84 24.46 2.61 16.30
CA ILE A 84 24.77 3.57 15.24
C ILE A 84 25.69 2.93 14.21
N LEU A 85 26.70 2.19 14.65
CA LEU A 85 27.64 1.59 13.72
C LEU A 85 27.02 0.50 12.86
N ASN A 86 25.85 -0.03 13.23
CA ASN A 86 25.20 -1.02 12.39
C ASN A 86 24.83 -0.46 11.03
N GLY A 87 24.57 0.84 10.95
CA GLY A 87 24.32 1.46 9.65
C GLY A 87 25.50 1.35 8.73
N LEU A 88 26.71 1.52 9.27
CA LEU A 88 27.90 1.37 8.46
C LEU A 88 28.04 -0.06 7.94
N ARG A 89 27.70 -1.04 8.77
CA ARG A 89 27.79 -2.43 8.34
C ARG A 89 26.75 -2.75 7.28
N SER A 90 25.50 -2.38 7.52
CA SER A 90 24.41 -2.74 6.61
C SER A 90 23.24 -1.81 6.83
N SER A 91 22.35 -1.77 5.84
CA SER A 91 21.15 -0.96 5.87
C SER A 91 19.96 -1.69 6.46
N GLU A 92 20.19 -2.68 7.31
CA GLU A 92 19.12 -3.45 7.92
C GLU A 92 18.68 -2.80 9.21
N MET A 93 17.38 -2.75 9.42
CA MET A 93 16.86 -2.50 10.74
C MET A 93 17.38 -3.56 11.70
N VAL A 94 17.49 -3.21 12.97
CA VAL A 94 17.96 -4.14 13.99
C VAL A 94 17.21 -3.89 15.28
N VAL A 95 16.53 -4.92 15.76
CA VAL A 95 15.88 -4.87 17.06
C VAL A 95 16.96 -5.00 18.10
N TRP A 96 16.69 -4.55 19.31
CA TRP A 96 17.68 -4.59 20.37
C TRP A 96 17.66 -5.95 21.03
N SER A 97 18.83 -6.36 21.51
CA SER A 97 18.96 -7.63 22.22
C SER A 97 20.20 -7.55 23.07
N ASP A 98 20.22 -8.37 24.12
CA ASP A 98 21.44 -8.48 24.92
C ASP A 98 22.57 -9.07 24.08
N SER A 99 22.23 -9.92 23.10
CA SER A 99 23.24 -10.43 22.20
C SER A 99 23.82 -9.34 21.31
N LEU A 100 23.00 -8.36 20.91
CA LEU A 100 23.45 -7.38 19.92
C LEU A 100 24.59 -6.53 20.46
N PHE A 101 24.48 -6.09 21.72
CA PHE A 101 25.45 -5.18 22.32
C PHE A 101 26.46 -5.93 23.19
N ASP A 102 26.82 -7.14 22.79
CA ASP A 102 27.84 -7.89 23.52
C ASP A 102 29.18 -7.19 23.48
N GLN A 103 29.44 -6.38 22.46
CA GLN A 103 30.71 -5.65 22.37
C GLN A 103 30.82 -4.62 23.49
N SER A 104 29.72 -3.96 23.82
CA SER A 104 29.68 -2.88 24.81
C SER A 104 28.50 -3.12 25.74
N ARG A 105 28.78 -3.61 26.94
CA ARG A 105 27.74 -3.99 27.90
C ARG A 105 27.41 -2.90 28.89
N MET A 106 28.30 -1.93 29.12
CA MET A 106 28.00 -0.85 30.05
C MET A 106 26.82 -0.03 29.57
N LEU A 107 26.74 0.20 28.27
CA LEU A 107 25.60 0.88 27.68
C LEU A 107 24.30 0.12 27.94
N TRP A 108 24.31 -1.19 27.75
CA TRP A 108 23.10 -1.96 27.96
C TRP A 108 22.69 -2.01 29.42
N ASN A 109 23.65 -2.14 30.33
CA ASN A 109 23.29 -2.11 31.75
C ASN A 109 22.70 -0.76 32.14
N GLU A 110 23.28 0.33 31.65
CA GLU A 110 22.72 1.64 31.96
C GLU A 110 21.33 1.81 31.37
N ALA A 111 21.13 1.33 30.13
CA ALA A 111 19.84 1.51 29.47
C ALA A 111 18.76 0.70 30.16
N ARG A 112 19.00 -0.59 30.38
CA ARG A 112 18.02 -1.43 31.07
C ARG A 112 17.78 -0.94 32.48
N ASP A 113 18.80 -0.38 33.13
CA ASP A 113 18.55 0.28 34.40
C ASP A 113 17.60 1.45 34.24
N TRP A 114 17.81 2.26 33.20
CA TRP A 114 17.20 3.58 33.11
C TRP A 114 15.97 3.57 32.21
N GLY A 115 15.04 2.65 32.43
CA GLY A 115 13.75 2.72 31.78
C GLY A 115 13.74 2.57 30.28
N LEU A 116 14.76 1.93 29.70
CA LEU A 116 14.74 1.53 28.29
C LEU A 116 15.25 0.10 28.22
N CYS A 117 14.39 -0.82 27.80
CA CYS A 117 14.73 -2.23 27.68
C CYS A 117 14.42 -2.82 26.32
N VAL A 118 13.32 -2.41 25.68
CA VAL A 118 12.92 -2.92 24.38
C VAL A 118 13.01 -1.77 23.39
N GLY A 119 13.48 -2.06 22.19
CA GLY A 119 13.53 -1.02 21.18
C GLY A 119 14.24 -1.51 19.93
N ALA A 120 14.33 -0.60 18.98
CA ALA A 120 14.91 -0.91 17.69
C ALA A 120 15.47 0.38 17.10
N THR A 121 16.22 0.23 16.01
CA THR A 121 16.91 1.35 15.38
C THR A 121 17.07 1.07 13.90
N LEU A 122 16.63 2.01 13.08
CA LEU A 122 16.74 1.95 11.64
C LEU A 122 17.83 2.90 11.18
N PRO A 123 18.96 2.44 10.64
CA PRO A 123 19.90 3.37 10.01
C PRO A 123 19.50 3.75 8.60
N ILE A 124 20.13 4.82 8.13
CA ILE A 124 20.02 5.27 6.75
C ILE A 124 21.16 6.25 6.51
N ARG A 125 21.76 6.16 5.33
CA ARG A 125 22.76 7.11 4.91
C ARG A 125 22.10 8.21 4.10
N ALA A 126 22.14 9.44 4.63
CA ALA A 126 21.59 10.57 3.92
C ALA A 126 22.42 10.81 2.67
N PRO A 127 21.86 11.49 1.66
CA PRO A 127 22.56 11.57 0.37
C PRO A 127 23.88 12.33 0.43
N ASN A 128 24.05 13.11 1.50
CA ASN A 128 25.27 13.88 1.73
C ASN A 128 26.30 13.17 2.62
N ASN A 129 26.12 11.86 2.84
CA ASN A 129 27.00 10.98 3.59
C ASN A 129 27.11 11.35 5.05
N LEU A 130 26.00 11.36 5.75
CA LEU A 130 25.95 11.60 7.14
C LEU A 130 25.07 10.52 7.57
N LEU A 131 25.59 9.38 7.90
CA LEU A 131 24.80 8.24 8.35
C LEU A 131 23.78 8.58 9.39
N SER A 132 22.46 8.58 9.16
CA SER A 132 21.48 8.90 10.23
C SER A 132 20.72 7.68 10.83
N VAL A 133 20.33 7.71 12.10
CA VAL A 133 19.64 6.58 12.70
C VAL A 133 18.40 7.10 13.39
N LEU A 134 17.32 6.34 13.32
CA LEU A 134 16.09 6.62 14.04
C LEU A 134 15.82 5.44 14.96
N SER A 135 15.82 5.70 16.26
CA SER A 135 15.60 4.69 17.27
C SER A 135 14.28 4.92 17.96
N VAL A 136 13.68 3.82 18.42
CA VAL A 136 12.40 3.84 19.13
C VAL A 136 12.48 2.83 20.24
N ALA A 137 11.77 3.08 21.34
CA ALA A 137 12.00 2.32 22.57
C ALA A 137 10.76 2.32 23.45
N ARG A 138 10.63 1.24 24.23
CA ARG A 138 9.54 1.06 25.16
C ARG A 138 10.10 0.23 26.35
N ASP A 139 9.26 -0.03 27.33
CA ASP A 139 9.68 -0.68 28.57
C ASP A 139 9.45 -2.19 28.56
N GLN A 140 8.21 -2.61 28.35
CA GLN A 140 7.79 -4.00 28.41
C GLN A 140 7.34 -4.41 27.01
N GLN A 141 6.93 -5.67 26.87
CA GLN A 141 6.38 -6.18 25.60
C GLN A 141 7.42 -6.13 24.49
N ASN A 142 8.37 -7.06 24.60
CA ASN A 142 9.35 -7.36 23.54
C ASN A 142 8.71 -7.38 22.16
N ILE A 143 9.44 -6.86 21.18
CA ILE A 143 8.88 -6.70 19.83
C ILE A 143 8.60 -8.07 19.24
N SER A 144 7.38 -8.25 18.75
CA SER A 144 6.98 -9.48 18.09
C SER A 144 7.40 -9.48 16.63
N SER A 145 7.69 -10.66 16.10
CA SER A 145 8.07 -10.78 14.71
C SER A 145 6.93 -10.36 13.79
N PHE A 146 5.69 -10.59 14.22
CA PHE A 146 4.54 -10.08 13.47
C PHE A 146 4.58 -8.56 13.37
N GLU A 147 5.08 -7.90 14.40
CA GLU A 147 5.08 -6.44 14.41
C GLU A 147 6.12 -5.86 13.45
N ARG A 148 7.28 -6.52 13.33
CA ARG A 148 8.52 -5.84 12.97
C ARG A 148 8.46 -5.16 11.61
N GLU A 149 7.83 -5.79 10.63
CA GLU A 149 7.86 -5.24 9.28
C GLU A 149 7.12 -3.91 9.20
N GLU A 150 6.00 -3.78 9.92
CA GLU A 150 5.28 -2.52 9.89
C GLU A 150 6.10 -1.41 10.52
N ILE A 151 6.78 -1.70 11.64
CA ILE A 151 7.65 -0.69 12.24
C ILE A 151 8.78 -0.35 11.28
N ARG A 152 9.28 -1.35 10.54
CA ARG A 152 10.37 -1.11 9.60
C ARG A 152 9.95 -0.13 8.53
N LEU A 153 8.85 -0.42 7.85
CA LEU A 153 8.42 0.46 6.76
C LEU A 153 8.03 1.83 7.28
N ARG A 154 7.33 1.89 8.41
CA ARG A 154 6.89 3.18 8.92
C ARG A 154 8.08 4.01 9.38
N LEU A 155 9.08 3.37 10.00
CA LEU A 155 10.26 4.13 10.43
C LEU A 155 11.04 4.60 9.20
N ARG A 156 11.09 3.78 8.15
CA ARG A 156 11.82 4.23 6.97
C ARG A 156 11.15 5.43 6.33
N CYS A 157 9.82 5.41 6.23
CA CYS A 157 9.11 6.58 5.72
C CYS A 157 9.35 7.79 6.60
N MET A 158 9.29 7.59 7.91
CA MET A 158 9.50 8.66 8.86
C MET A 158 10.89 9.26 8.73
N ILE A 159 11.94 8.43 8.69
CA ILE A 159 13.29 8.99 8.63
C ILE A 159 13.55 9.61 7.26
N GLU A 160 12.96 9.07 6.19
CA GLU A 160 13.12 9.69 4.88
C GLU A 160 12.56 11.10 4.88
N LEU A 161 11.31 11.25 5.31
CA LEU A 161 10.71 12.58 5.31
C LEU A 161 11.38 13.48 6.33
N LEU A 162 11.82 12.90 7.45
CA LEU A 162 12.45 13.68 8.51
C LEU A 162 13.76 14.27 8.04
N THR A 163 14.65 13.45 7.50
CA THR A 163 15.92 13.97 7.05
C THR A 163 15.75 14.89 5.85
N GLN A 164 14.72 14.66 5.03
CA GLN A 164 14.42 15.61 3.96
C GLN A 164 14.13 16.99 4.50
N LYS A 165 13.22 17.10 5.46
CA LYS A 165 12.87 18.43 5.93
C LYS A 165 13.96 19.02 6.81
N LEU A 166 14.68 18.20 7.58
CA LEU A 166 15.79 18.73 8.36
C LEU A 166 16.90 19.24 7.46
N THR A 167 17.06 18.64 6.27
CA THR A 167 17.89 19.28 5.25
C THR A 167 17.26 20.58 4.78
N ASP A 168 15.93 20.60 4.63
CA ASP A 168 15.28 21.81 4.14
C ASP A 168 15.41 22.96 5.13
N LEU A 169 15.28 22.68 6.43
CA LEU A 169 15.31 23.70 7.47
C LEU A 169 16.71 24.02 7.98
N GLU A 170 17.76 23.47 7.36
CA GLU A 170 19.17 23.69 7.71
C GLU A 170 19.42 23.68 9.22
N HIS A 171 19.13 22.53 9.81
CA HIS A 171 19.27 22.36 11.24
C HIS A 171 20.75 22.44 11.64
N PRO A 172 21.06 22.75 12.90
CA PRO A 172 22.45 22.65 13.33
C PRO A 172 23.04 21.25 13.24
N MET A 173 22.11 20.28 13.19
CA MET A 173 22.45 18.91 13.25
C MET A 173 23.21 18.55 12.12
N LEU A 174 22.78 18.87 10.88
CA LEU A 174 23.47 18.44 9.64
C LEU A 174 24.46 19.35 8.88
N MET A 175 24.49 20.64 9.21
CA MET A 175 25.41 21.59 8.63
C MET A 175 26.83 21.07 8.82
N SER A 176 27.54 20.90 7.72
CA SER A 176 28.93 20.46 7.74
C SER A 176 29.81 21.70 7.89
N ASN A 177 31.11 21.52 7.81
CA ASN A 177 31.93 22.69 7.57
C ASN A 177 31.40 23.28 6.27
N PRO A 178 30.68 24.43 6.26
CA PRO A 178 30.08 24.87 5.01
C PRO A 178 31.15 25.36 4.04
N VAL A 179 31.37 24.58 2.98
CA VAL A 179 32.32 24.90 1.93
C VAL A 179 31.59 24.76 0.60
N CYS A 180 31.81 25.71 -0.29
CA CYS A 180 31.18 25.74 -1.62
C CYS A 180 32.28 25.93 -2.65
N LEU A 181 32.89 24.83 -3.06
CA LEU A 181 33.90 24.88 -4.10
C LEU A 181 33.23 25.09 -5.44
N SER A 182 33.69 26.07 -6.21
CA SER A 182 33.18 26.26 -7.57
C SER A 182 33.93 25.27 -8.47
N HIS A 183 33.72 25.38 -9.78
CA HIS A 183 34.00 24.27 -10.69
C HIS A 183 35.49 23.92 -10.72
N ARG A 184 36.37 24.92 -10.89
CA ARG A 184 37.77 24.59 -11.11
C ARG A 184 38.43 24.10 -9.84
N GLU A 185 38.10 24.69 -8.68
CA GLU A 185 38.68 24.17 -7.45
C GLU A 185 38.12 22.79 -7.13
N ARG A 186 36.87 22.52 -7.49
CA ARG A 186 36.35 21.18 -7.36
C ARG A 186 37.14 20.21 -8.23
N GLU A 187 37.44 20.62 -9.46
CA GLU A 187 38.20 19.74 -10.35
C GLU A 187 39.60 19.48 -9.83
N ILE A 188 40.27 20.53 -9.34
CA ILE A 188 41.66 20.36 -8.94
C ILE A 188 41.75 19.56 -7.65
N LEU A 189 40.80 19.74 -6.74
CA LEU A 189 40.76 18.92 -5.55
C LEU A 189 40.45 17.48 -5.89
N GLN A 190 39.57 17.27 -6.86
CA GLN A 190 39.28 15.92 -7.34
C GLN A 190 40.53 15.27 -7.90
N TRP A 191 41.29 16.01 -8.72
CA TRP A 191 42.48 15.44 -9.33
C TRP A 191 43.55 15.17 -8.29
N THR A 192 43.65 16.03 -7.28
CA THR A 192 44.56 15.74 -6.17
C THR A 192 44.14 14.49 -5.43
N ALA A 193 42.83 14.27 -5.29
CA ALA A 193 42.36 13.03 -4.68
C ALA A 193 42.74 11.83 -5.51
N ASP A 194 42.84 11.99 -6.82
CA ASP A 194 43.30 10.92 -7.70
C ASP A 194 44.81 10.73 -7.69
N GLY A 195 45.55 11.41 -6.82
CA GLY A 195 46.92 11.08 -6.57
C GLY A 195 47.92 11.65 -7.55
N LYS A 196 47.46 12.23 -8.65
CA LYS A 196 48.37 12.95 -9.53
C LYS A 196 48.96 14.11 -8.76
N SER A 197 50.28 14.27 -8.87
CA SER A 197 50.94 15.36 -8.18
C SER A 197 50.72 16.66 -8.94
N SER A 198 51.36 17.72 -8.46
CA SER A 198 51.13 19.04 -9.04
C SER A 198 51.62 19.11 -10.48
N GLY A 199 52.75 18.48 -10.77
CA GLY A 199 53.30 18.55 -12.12
C GLY A 199 52.42 17.86 -13.14
N GLU A 200 51.94 16.67 -12.80
CA GLU A 200 51.08 15.91 -13.70
C GLU A 200 49.77 16.63 -13.97
N ILE A 201 49.15 17.15 -12.91
CA ILE A 201 47.89 17.86 -13.05
C ILE A 201 48.10 19.14 -13.83
N ALA A 202 49.22 19.82 -13.57
CA ALA A 202 49.54 21.05 -14.28
C ALA A 202 49.69 20.79 -15.78
N ILE A 203 50.46 19.76 -16.15
CA ILE A 203 50.74 19.56 -17.56
C ILE A 203 49.49 19.09 -18.30
N ILE A 204 48.65 18.25 -17.67
CA ILE A 204 47.42 17.87 -18.36
C ILE A 204 46.47 19.05 -18.45
N LEU A 205 46.41 19.90 -17.42
CA LEU A 205 45.68 21.15 -17.53
C LEU A 205 46.45 22.21 -18.30
N SER A 206 47.76 22.05 -18.45
CA SER A 206 48.61 23.06 -19.10
C SER A 206 48.58 24.40 -18.37
N ILE A 207 48.41 24.35 -17.04
CA ILE A 207 48.34 25.51 -16.16
C ILE A 207 49.63 25.53 -15.34
N SER A 208 50.10 26.74 -15.03
CA SER A 208 51.40 26.90 -14.39
C SER A 208 51.42 26.26 -13.00
N GLU A 209 52.58 25.71 -12.63
CA GLU A 209 52.70 24.93 -11.40
C GLU A 209 52.44 25.77 -10.16
N SER A 210 52.96 26.99 -10.12
CA SER A 210 52.75 27.82 -8.94
C SER A 210 51.32 28.35 -8.88
N THR A 211 50.66 28.49 -10.04
CA THR A 211 49.25 28.90 -10.03
C THR A 211 48.38 27.84 -9.36
N VAL A 212 48.54 26.58 -9.78
CA VAL A 212 47.81 25.50 -9.15
C VAL A 212 48.26 25.32 -7.71
N ASN A 213 49.52 25.62 -7.40
CA ASN A 213 49.95 25.60 -6.01
C ASN A 213 49.17 26.63 -5.19
N PHE A 214 48.96 27.83 -5.74
CA PHE A 214 48.19 28.82 -5.02
C PHE A 214 46.73 28.40 -4.90
N HIS A 215 46.21 27.68 -5.90
CA HIS A 215 44.87 27.14 -5.77
C HIS A 215 44.79 26.12 -4.63
N HIS A 216 45.83 25.29 -4.49
CA HIS A 216 45.90 24.41 -3.34
C HIS A 216 45.95 25.20 -2.04
N LYS A 217 46.64 26.34 -2.03
CA LYS A 217 46.65 27.18 -0.82
C LYS A 217 45.26 27.73 -0.51
N ASN A 218 44.52 28.13 -1.53
CA ASN A 218 43.16 28.60 -1.32
C ASN A 218 42.29 27.49 -0.72
N ILE A 219 42.41 26.28 -1.26
CA ILE A 219 41.67 25.14 -0.74
C ILE A 219 42.13 24.81 0.67
N GLN A 220 43.43 25.00 0.95
CA GLN A 220 43.98 24.72 2.26
C GLN A 220 43.33 25.62 3.30
N LYS A 221 43.36 26.92 3.04
CA LYS A 221 42.78 27.87 3.98
C LYS A 221 41.27 27.70 4.07
N LYS A 222 40.62 27.23 2.99
CA LYS A 222 39.18 27.08 3.01
C LYS A 222 38.75 26.03 4.04
N PHE A 223 39.47 24.91 4.10
CA PHE A 223 39.21 23.88 5.09
C PHE A 223 39.97 24.11 6.40
N ASP A 224 40.91 25.05 6.44
CA ASP A 224 41.78 25.28 7.60
C ASP A 224 42.54 24.01 7.97
N ALA A 225 43.44 23.63 7.07
CA ALA A 225 44.14 22.35 7.07
C ALA A 225 45.64 22.58 6.91
N PRO A 226 46.50 21.64 7.39
CA PRO A 226 47.95 21.79 7.16
C PRO A 226 48.50 20.96 6.01
N ASN A 227 47.73 20.02 5.47
CA ASN A 227 48.28 19.07 4.51
C ASN A 227 47.18 18.56 3.60
N LYS A 228 47.54 18.31 2.33
CA LYS A 228 46.57 18.02 1.29
C LYS A 228 45.81 16.73 1.55
N THR A 229 46.35 15.83 2.37
CA THR A 229 45.64 14.62 2.72
C THR A 229 44.32 14.97 3.40
N LEU A 230 44.32 15.99 4.26
CA LEU A 230 43.08 16.46 4.86
C LEU A 230 42.12 16.92 3.79
N ALA A 231 42.61 17.70 2.82
CA ALA A 231 41.75 18.23 1.77
C ALA A 231 41.12 17.10 0.97
N ALA A 232 41.94 16.13 0.55
CA ALA A 232 41.43 15.04 -0.26
C ALA A 232 40.45 14.19 0.52
N ALA A 233 40.79 13.84 1.75
CA ALA A 233 39.94 12.96 2.53
C ALA A 233 38.60 13.62 2.85
N TYR A 234 38.64 14.88 3.26
CA TYR A 234 37.40 15.55 3.61
C TYR A 234 36.54 15.80 2.39
N ALA A 235 37.18 16.13 1.26
CA ALA A 235 36.41 16.34 0.05
C ALA A 235 35.75 15.06 -0.40
N ALA A 236 36.44 13.93 -0.23
CA ALA A 236 35.81 12.65 -0.52
C ALA A 236 34.66 12.37 0.44
N ALA A 237 34.87 12.64 1.72
CA ALA A 237 33.88 12.27 2.72
C ALA A 237 32.60 13.07 2.56
N LEU A 238 32.73 14.37 2.35
CA LEU A 238 31.58 15.26 2.24
C LEU A 238 30.99 15.32 0.84
N GLY A 239 31.54 14.57 -0.11
CA GLY A 239 30.94 14.52 -1.43
C GLY A 239 31.18 15.74 -2.27
N LEU A 240 32.07 16.64 -1.87
CA LEU A 240 32.36 17.80 -2.70
C LEU A 240 33.00 17.41 -4.03
N ILE A 241 33.65 16.26 -4.08
CA ILE A 241 34.23 15.72 -5.31
C ILE A 241 33.61 14.36 -5.59
N ASP B 4 -4.10 -10.85 5.26
CA ASP B 4 -5.06 -9.77 5.28
C ASP B 4 -5.06 -9.01 3.96
N GLY B 5 -4.11 -9.35 3.09
CA GLY B 5 -3.95 -8.67 1.82
C GLY B 5 -3.29 -7.32 2.01
N GLY B 6 -3.05 -6.64 0.89
CA GLY B 6 -2.56 -5.29 0.94
C GLY B 6 -1.04 -5.22 1.04
N PHE B 7 -0.56 -4.04 1.46
CA PHE B 7 0.85 -3.70 1.29
C PHE B 7 1.74 -4.46 2.26
N LEU B 8 1.35 -4.52 3.52
CA LEU B 8 2.20 -5.19 4.45
C LEU B 8 2.27 -6.59 4.04
N LEU B 9 1.20 -7.18 3.56
CA LEU B 9 1.30 -8.56 3.23
C LEU B 9 1.84 -8.84 1.89
N TRP B 10 2.16 -7.76 1.18
CA TRP B 10 2.79 -7.81 -0.09
C TRP B 10 4.29 -7.64 0.14
N TRP B 11 4.69 -7.08 1.28
CA TRP B 11 6.10 -6.88 1.56
C TRP B 11 6.66 -8.11 2.25
N ASP B 12 5.88 -8.67 3.17
CA ASP B 12 6.34 -9.87 3.86
C ASP B 12 6.48 -11.04 2.90
N GLY B 13 5.48 -11.24 2.03
CA GLY B 13 5.56 -12.31 1.07
C GLY B 13 6.69 -12.12 0.08
N LEU B 14 6.96 -10.87 -0.30
CA LEU B 14 8.06 -10.64 -1.22
C LEU B 14 9.39 -10.93 -0.56
N ARG B 15 9.56 -10.54 0.71
CA ARG B 15 10.80 -10.88 1.40
C ARG B 15 10.96 -12.39 1.53
N SER B 16 9.87 -13.08 1.86
CA SER B 16 9.94 -14.54 2.00
C SER B 16 10.30 -15.19 0.68
N GLU B 17 9.71 -14.72 -0.42
CA GLU B 17 10.08 -15.24 -1.73
C GLU B 17 11.51 -14.87 -2.09
N MET B 18 12.03 -13.77 -1.53
CA MET B 18 13.39 -13.36 -1.83
C MET B 18 14.43 -14.21 -1.09
N GLN B 19 14.07 -14.70 0.11
CA GLN B 19 15.06 -15.35 0.98
C GLN B 19 15.74 -16.56 0.35
N PRO B 20 15.04 -17.58 -0.16
CA PRO B 20 15.76 -18.78 -0.63
C PRO B 20 16.53 -18.61 -1.93
N ILE B 21 16.59 -17.42 -2.47
CA ILE B 21 17.29 -17.25 -3.73
C ILE B 21 18.74 -17.26 -3.53
N HIS B 22 19.53 -17.76 -4.46
CA HIS B 22 20.96 -17.65 -4.30
C HIS B 22 21.63 -17.32 -5.62
N ASP B 23 20.95 -16.63 -6.53
CA ASP B 23 21.57 -16.30 -7.78
C ASP B 23 21.05 -15.04 -8.36
N SER B 24 21.83 -14.38 -9.15
CA SER B 24 21.42 -13.06 -9.62
C SER B 24 20.26 -13.13 -10.60
N GLN B 25 20.25 -14.19 -11.43
CA GLN B 25 19.18 -14.33 -12.42
C GLN B 25 17.83 -14.48 -11.74
N GLY B 26 17.78 -15.19 -10.63
CA GLY B 26 16.53 -15.27 -9.88
C GLY B 26 16.10 -13.93 -9.31
N VAL B 27 17.07 -13.15 -8.82
CA VAL B 27 16.78 -11.83 -8.26
C VAL B 27 16.18 -10.93 -9.33
N PHE B 28 16.82 -10.86 -10.49
CA PHE B 28 16.28 -10.00 -11.53
C PHE B 28 15.00 -10.58 -12.12
N ALA B 29 14.82 -11.90 -12.08
CA ALA B 29 13.57 -12.48 -12.56
C ALA B 29 12.41 -12.07 -11.67
N VAL B 30 12.60 -12.14 -10.35
CA VAL B 30 11.52 -11.71 -9.46
C VAL B 30 11.34 -10.21 -9.54
N LEU B 31 12.41 -9.44 -9.78
CA LEU B 31 12.22 -8.01 -10.00
C LEU B 31 11.38 -7.76 -11.24
N GLU B 32 11.66 -8.50 -12.32
CA GLU B 32 10.91 -8.32 -13.56
C GLU B 32 9.45 -8.67 -13.36
N LYS B 33 9.19 -9.78 -12.66
CA LYS B 33 7.82 -10.15 -12.38
C LYS B 33 7.12 -9.09 -11.55
N GLU B 34 7.80 -8.56 -10.53
CA GLU B 34 7.13 -7.64 -9.62
C GLU B 34 6.91 -6.29 -10.27
N VAL B 35 7.87 -5.81 -11.07
CA VAL B 35 7.66 -4.53 -11.74
C VAL B 35 6.60 -4.66 -12.82
N ARG B 36 6.52 -5.80 -13.51
CA ARG B 36 5.42 -6.00 -14.43
C ARG B 36 4.09 -6.07 -13.68
N ARG B 37 4.10 -6.60 -12.46
CA ARG B 37 2.91 -6.53 -11.62
C ARG B 37 2.56 -5.09 -11.30
N LEU B 38 3.57 -4.27 -11.06
CA LEU B 38 3.34 -2.86 -10.71
C LEU B 38 2.68 -2.12 -11.87
N GLY B 39 3.15 -2.37 -13.08
CA GLY B 39 2.56 -1.80 -14.29
C GLY B 39 3.56 -1.39 -15.34
N PHE B 40 4.75 -0.96 -14.94
CA PHE B 40 5.68 -0.44 -15.92
C PHE B 40 6.33 -1.59 -16.70
N ASP B 41 6.85 -1.25 -17.87
CA ASP B 41 7.35 -2.26 -18.80
C ASP B 41 8.76 -2.71 -18.44
N TYR B 42 9.71 -1.78 -18.46
CA TYR B 42 11.12 -2.08 -18.28
C TYR B 42 11.59 -1.58 -16.92
N TYR B 43 12.64 -2.24 -16.41
CA TYR B 43 13.32 -1.81 -15.19
C TYR B 43 14.79 -1.61 -15.50
N ALA B 44 15.53 -1.19 -14.48
CA ALA B 44 16.97 -1.09 -14.56
C ALA B 44 17.51 -0.79 -13.17
N TYR B 45 18.73 -1.22 -12.91
CA TYR B 45 19.42 -0.99 -11.65
C TYR B 45 20.81 -0.51 -12.02
N GLY B 46 21.13 0.71 -11.60
CA GLY B 46 22.42 1.32 -11.80
C GLY B 46 23.15 1.50 -10.50
N VAL B 47 24.48 1.59 -10.58
CA VAL B 47 25.34 1.80 -9.41
C VAL B 47 26.40 2.78 -9.84
N ARG B 48 26.36 3.99 -9.29
CA ARG B 48 27.46 4.93 -9.38
C ARG B 48 28.39 4.65 -8.21
N HIS B 49 29.54 4.07 -8.54
CA HIS B 49 30.65 3.99 -7.61
C HIS B 49 31.30 5.36 -7.50
N THR B 50 31.88 5.62 -6.33
CA THR B 50 32.65 6.83 -6.13
C THR B 50 34.14 6.57 -6.08
N ILE B 51 34.59 5.37 -6.44
CA ILE B 51 35.97 4.96 -6.20
C ILE B 51 36.88 5.75 -7.15
N PRO B 52 36.89 5.52 -8.48
CA PRO B 52 37.79 6.33 -9.32
C PRO B 52 37.28 7.74 -9.52
N PHE B 53 38.00 8.72 -8.98
CA PHE B 53 37.45 10.08 -8.93
C PHE B 53 37.46 10.76 -10.30
N THR B 54 38.53 10.60 -11.08
CA THR B 54 38.61 11.28 -12.36
C THR B 54 37.55 10.78 -13.34
N ARG B 55 37.13 9.54 -13.20
CA ARG B 55 36.21 8.90 -14.13
C ARG B 55 35.35 7.96 -13.30
N PRO B 56 34.30 8.48 -12.61
CA PRO B 56 33.50 7.61 -11.75
C PRO B 56 32.81 6.50 -12.52
N LYS B 57 33.25 5.28 -12.29
CA LYS B 57 32.74 4.14 -13.05
C LYS B 57 31.33 3.80 -12.60
N THR B 58 30.47 3.55 -13.57
CA THR B 58 29.06 3.27 -13.36
C THR B 58 28.73 1.91 -13.93
N GLU B 59 28.18 1.04 -13.09
CA GLU B 59 27.68 -0.27 -13.50
C GLU B 59 26.17 -0.18 -13.65
N VAL B 60 25.62 -1.11 -14.41
CA VAL B 60 24.20 -1.05 -14.73
C VAL B 60 23.75 -2.40 -15.27
N HIS B 61 22.49 -2.74 -15.00
CA HIS B 61 21.91 -3.99 -15.50
C HIS B 61 20.40 -3.84 -15.48
N GLY B 62 19.74 -4.27 -16.55
CA GLY B 62 18.29 -4.15 -16.61
C GLY B 62 17.68 -4.91 -17.76
N THR B 63 16.53 -4.44 -18.25
CA THR B 63 15.92 -4.94 -19.49
C THR B 63 15.50 -3.74 -20.35
N TYR B 64 16.44 -3.26 -21.14
CA TYR B 64 16.21 -2.22 -22.14
C TYR B 64 16.64 -2.83 -23.47
N PRO B 65 16.53 -2.10 -24.58
CA PRO B 65 17.21 -2.55 -25.80
C PRO B 65 18.70 -2.72 -25.56
N LYS B 66 19.23 -3.86 -26.02
CA LYS B 66 20.64 -4.16 -25.84
C LYS B 66 21.51 -3.12 -26.53
N ALA B 67 21.06 -2.62 -27.67
CA ALA B 67 21.80 -1.58 -28.36
C ALA B 67 21.82 -0.27 -27.59
N TRP B 68 20.86 -0.03 -26.70
CA TRP B 68 20.88 1.19 -25.90
C TRP B 68 21.90 1.08 -24.77
N LEU B 69 22.02 -0.12 -24.20
CA LEU B 69 23.15 -0.41 -23.31
C LEU B 69 24.47 -0.22 -24.04
N GLU B 70 24.56 -0.72 -25.27
CA GLU B 70 25.73 -0.46 -26.09
C GLU B 70 25.93 1.03 -26.36
N ARG B 71 24.85 1.80 -26.43
CA ARG B 71 24.97 3.24 -26.58
C ARG B 71 25.66 3.85 -25.36
N TYR B 72 25.33 3.37 -24.17
CA TYR B 72 26.10 3.79 -23.00
C TYR B 72 27.56 3.38 -23.08
N GLN B 73 27.86 2.14 -23.47
CA GLN B 73 29.28 1.75 -23.50
C GLN B 73 30.07 2.53 -24.54
N MET B 74 29.48 2.81 -25.69
CA MET B 74 30.23 3.54 -26.72
C MET B 74 30.44 5.00 -26.31
N GLN B 75 29.41 5.63 -25.73
CA GLN B 75 29.40 7.07 -25.51
C GLN B 75 29.42 7.49 -24.05
N ASN B 76 29.19 6.56 -23.11
CA ASN B 76 29.50 6.74 -21.68
C ASN B 76 28.74 7.94 -21.09
N TYR B 77 27.41 7.81 -21.10
CA TYR B 77 26.55 8.81 -20.48
C TYR B 77 26.32 8.57 -19.01
N GLY B 78 27.13 7.72 -18.36
CA GLY B 78 26.93 7.49 -16.93
C GLY B 78 27.17 8.74 -16.10
N ALA B 79 28.26 9.45 -16.39
CA ALA B 79 28.55 10.69 -15.68
C ALA B 79 27.54 11.76 -16.02
N VAL B 80 27.09 11.82 -17.28
CA VAL B 80 26.23 12.91 -17.73
C VAL B 80 24.77 12.68 -17.36
N ASP B 81 24.41 11.50 -16.87
CA ASP B 81 23.01 11.21 -16.58
C ASP B 81 22.52 12.08 -15.42
N PRO B 82 21.44 12.88 -15.59
CA PRO B 82 20.90 13.57 -14.41
C PRO B 82 20.14 12.62 -13.50
N ALA B 83 19.61 11.53 -14.06
CA ALA B 83 18.84 10.59 -13.25
C ALA B 83 19.69 9.96 -12.17
N ILE B 84 20.90 9.56 -12.50
CA ILE B 84 21.83 9.07 -11.48
C ILE B 84 22.30 10.23 -10.62
N LEU B 85 22.58 11.38 -11.25
CA LEU B 85 23.22 12.49 -10.53
C LEU B 85 22.33 13.05 -9.44
N ASN B 86 21.01 12.90 -9.57
CA ASN B 86 20.11 13.40 -8.52
C ASN B 86 20.30 12.63 -7.23
N GLY B 87 20.74 11.37 -7.31
CA GLY B 87 21.04 10.64 -6.11
C GLY B 87 22.19 11.23 -5.32
N LEU B 88 23.15 11.83 -6.02
CA LEU B 88 24.29 12.42 -5.32
C LEU B 88 23.87 13.60 -4.46
N ARG B 89 22.94 14.43 -4.95
CA ARG B 89 22.54 15.62 -4.22
C ARG B 89 21.46 15.31 -3.19
N SER B 90 20.30 14.83 -3.63
CA SER B 90 19.12 14.63 -2.80
C SER B 90 18.83 13.14 -2.71
N SER B 91 17.71 12.81 -2.07
CA SER B 91 17.27 11.43 -1.86
C SER B 91 15.86 11.14 -2.31
N GLU B 92 15.03 12.15 -2.59
CA GLU B 92 13.68 11.88 -3.06
C GLU B 92 13.71 11.27 -4.44
N MET B 93 12.61 10.61 -4.78
CA MET B 93 12.41 10.18 -6.15
C MET B 93 12.31 11.39 -7.06
N VAL B 94 12.81 11.21 -8.28
CA VAL B 94 12.69 12.18 -9.37
C VAL B 94 11.89 11.52 -10.47
N VAL B 95 10.87 12.21 -10.93
CA VAL B 95 10.04 11.73 -12.03
C VAL B 95 10.62 12.25 -13.34
N TRP B 96 10.70 11.34 -14.29
CA TRP B 96 11.18 11.62 -15.64
C TRP B 96 10.36 12.74 -16.27
N SER B 97 11.04 13.70 -16.88
CA SER B 97 10.39 14.79 -17.60
C SER B 97 11.44 15.53 -18.41
N ASP B 98 10.96 16.37 -19.33
CA ASP B 98 11.88 17.13 -20.17
C ASP B 98 12.66 18.16 -19.37
N SER B 99 12.04 18.71 -18.31
CA SER B 99 12.73 19.72 -17.52
C SER B 99 13.94 19.13 -16.79
N LEU B 100 13.81 17.92 -16.27
CA LEU B 100 14.90 17.32 -15.49
C LEU B 100 16.08 16.98 -16.37
N PHE B 101 15.82 16.55 -17.60
CA PHE B 101 16.87 16.26 -18.57
C PHE B 101 17.28 17.48 -19.38
N ASP B 102 16.80 18.67 -19.01
CA ASP B 102 17.06 19.87 -19.80
C ASP B 102 18.56 20.22 -19.83
N GLN B 103 19.32 19.76 -18.85
CA GLN B 103 20.77 19.98 -18.89
C GLN B 103 21.39 19.25 -20.06
N SER B 104 20.96 18.01 -20.33
CA SER B 104 21.48 17.18 -21.41
C SER B 104 20.31 16.64 -22.21
N ARG B 105 19.83 17.46 -23.17
CA ARG B 105 18.67 17.08 -23.96
C ARG B 105 18.97 15.97 -24.96
N MET B 106 20.24 15.70 -25.23
CA MET B 106 20.58 14.68 -26.22
C MET B 106 20.15 13.31 -25.70
N LEU B 107 20.34 13.07 -24.41
CA LEU B 107 19.91 11.82 -23.79
C LEU B 107 18.40 11.67 -23.88
N TRP B 108 17.67 12.73 -23.60
CA TRP B 108 16.22 12.69 -23.73
C TRP B 108 15.80 12.42 -25.16
N ASN B 109 16.49 13.01 -26.13
CA ASN B 109 16.13 12.79 -27.52
C ASN B 109 16.28 11.32 -27.90
N GLU B 110 17.40 10.70 -27.51
CA GLU B 110 17.55 9.28 -27.81
C GLU B 110 16.55 8.44 -27.02
N ALA B 111 16.29 8.81 -25.77
CA ALA B 111 15.38 8.02 -24.94
C ALA B 111 13.97 8.03 -25.51
N ARG B 112 13.49 9.19 -25.94
CA ARG B 112 12.21 9.25 -26.63
C ARG B 112 12.26 8.45 -27.93
N ASP B 113 13.38 8.52 -28.65
CA ASP B 113 13.50 7.77 -29.90
C ASP B 113 13.46 6.27 -29.64
N TRP B 114 14.14 5.80 -28.60
CA TRP B 114 14.25 4.37 -28.32
C TRP B 114 13.08 3.83 -27.50
N GLY B 115 11.99 4.57 -27.40
CA GLY B 115 10.81 4.05 -26.73
C GLY B 115 10.95 3.87 -25.23
N LEU B 116 11.53 4.85 -24.54
CA LEU B 116 11.49 4.96 -23.09
C LEU B 116 10.91 6.33 -22.80
N CYS B 117 9.58 6.42 -22.83
CA CYS B 117 8.91 7.71 -22.79
C CYS B 117 8.71 8.21 -21.36
N VAL B 118 8.24 7.33 -20.49
CA VAL B 118 7.81 7.67 -19.15
C VAL B 118 8.55 6.77 -18.18
N GLY B 119 8.77 7.25 -16.96
CA GLY B 119 9.34 6.38 -15.95
C GLY B 119 9.51 7.09 -14.64
N ALA B 120 10.27 6.44 -13.77
CA ALA B 120 10.72 6.97 -12.49
C ALA B 120 12.11 6.41 -12.21
N THR B 121 12.81 7.07 -11.27
CA THR B 121 14.19 6.67 -10.95
C THR B 121 14.48 7.04 -9.50
N LEU B 122 14.43 6.04 -8.63
CA LEU B 122 14.69 6.23 -7.21
C LEU B 122 16.17 6.01 -6.91
N PRO B 123 16.89 6.97 -6.35
CA PRO B 123 18.22 6.69 -5.82
C PRO B 123 18.15 6.24 -4.36
N ILE B 124 19.26 5.69 -3.90
CA ILE B 124 19.46 5.38 -2.50
C ILE B 124 20.95 5.13 -2.25
N ARG B 125 21.44 5.62 -1.12
CA ARG B 125 22.82 5.37 -0.72
C ARG B 125 22.90 3.96 -0.14
N ALA B 126 23.74 3.11 -0.75
CA ALA B 126 23.96 1.80 -0.20
C ALA B 126 24.73 1.94 1.11
N PRO B 127 24.68 0.93 1.99
CA PRO B 127 25.30 1.10 3.31
C PRO B 127 26.80 1.32 3.27
N ASN B 128 27.50 0.80 2.25
CA ASN B 128 28.95 0.89 2.17
C ASN B 128 29.41 2.07 1.33
N ASN B 129 28.66 3.14 1.45
CA ASN B 129 28.92 4.38 0.78
C ASN B 129 29.09 4.21 -0.69
N LEU B 130 28.05 3.82 -1.43
CA LEU B 130 28.16 3.63 -2.87
C LEU B 130 26.80 3.70 -3.56
N LEU B 131 26.52 4.87 -4.13
CA LEU B 131 25.25 5.17 -4.79
C LEU B 131 24.57 4.10 -5.70
N SER B 132 23.40 3.58 -5.29
CA SER B 132 22.60 2.67 -6.08
C SER B 132 21.34 3.40 -6.50
N VAL B 133 20.77 2.98 -7.61
CA VAL B 133 19.57 3.60 -8.14
C VAL B 133 18.80 2.52 -8.87
N LEU B 134 17.48 2.57 -8.78
CA LEU B 134 16.63 1.64 -9.50
C LEU B 134 15.59 2.48 -10.23
N SER B 135 15.46 2.23 -11.53
CA SER B 135 14.60 3.00 -12.41
C SER B 135 13.66 2.06 -13.12
N VAL B 136 12.51 2.59 -13.52
CA VAL B 136 11.46 1.81 -14.15
C VAL B 136 10.78 2.71 -15.17
N ALA B 137 10.23 2.11 -16.23
CA ALA B 137 9.78 2.90 -17.36
C ALA B 137 8.74 2.17 -18.18
N ARG B 138 7.97 2.97 -18.93
CA ARG B 138 6.95 2.48 -19.85
C ARG B 138 6.82 3.49 -20.98
N ASP B 139 5.92 3.19 -21.92
CA ASP B 139 5.83 3.88 -23.20
C ASP B 139 4.75 4.96 -23.24
N GLN B 140 3.66 4.79 -22.51
CA GLN B 140 2.54 5.72 -22.46
C GLN B 140 2.14 5.86 -21.00
N GLN B 141 1.12 6.68 -20.73
CA GLN B 141 0.66 6.90 -19.35
C GLN B 141 1.66 7.69 -18.50
N ASN B 142 1.80 8.99 -18.77
CA ASN B 142 2.62 9.84 -17.91
C ASN B 142 2.14 9.74 -16.46
N ILE B 143 3.11 9.71 -15.54
CA ILE B 143 2.83 9.36 -14.15
C ILE B 143 2.01 10.46 -13.50
N SER B 144 0.83 10.10 -13.01
CA SER B 144 0.00 11.06 -12.30
C SER B 144 0.55 11.27 -10.89
N SER B 145 0.06 12.33 -10.25
CA SER B 145 0.33 12.53 -8.84
C SER B 145 -0.31 11.44 -7.98
N PHE B 146 -1.36 10.79 -8.47
CA PHE B 146 -2.03 9.76 -7.68
C PHE B 146 -1.20 8.48 -7.62
N GLU B 147 -0.58 8.10 -8.74
CA GLU B 147 0.25 6.90 -8.77
C GLU B 147 1.67 7.14 -8.27
N ARG B 148 2.12 8.40 -8.20
CA ARG B 148 3.52 8.70 -7.90
C ARG B 148 3.93 8.16 -6.55
N GLU B 149 3.06 8.29 -5.55
CA GLU B 149 3.47 7.90 -4.21
C GLU B 149 3.45 6.39 -4.04
N GLU B 150 2.52 5.71 -4.70
CA GLU B 150 2.51 4.25 -4.69
C GLU B 150 3.78 3.71 -5.35
N ILE B 151 4.17 4.33 -6.47
CA ILE B 151 5.45 4.03 -7.10
C ILE B 151 6.58 4.27 -6.09
N ARG B 152 6.50 5.36 -5.34
CA ARG B 152 7.56 5.69 -4.39
C ARG B 152 7.73 4.60 -3.35
N LEU B 153 6.62 4.14 -2.78
CA LEU B 153 6.74 3.12 -1.73
C LEU B 153 7.22 1.80 -2.29
N ARG B 154 6.67 1.36 -3.43
CA ARG B 154 7.05 0.05 -3.94
C ARG B 154 8.50 0.05 -4.43
N LEU B 155 8.87 1.10 -5.17
CA LEU B 155 10.22 1.27 -5.73
C LEU B 155 11.19 1.64 -4.67
N ARG B 156 10.75 1.59 -3.45
CA ARG B 156 11.68 1.82 -2.44
C ARG B 156 11.70 0.70 -1.53
N CYS B 157 10.80 -0.25 -1.64
CA CYS B 157 10.88 -1.46 -0.89
C CYS B 157 11.69 -2.43 -1.72
N MET B 158 11.55 -2.39 -3.06
CA MET B 158 12.33 -3.34 -3.84
C MET B 158 13.79 -2.91 -3.94
N ILE B 159 14.08 -1.61 -4.01
CA ILE B 159 15.48 -1.23 -4.16
C ILE B 159 16.23 -1.54 -2.87
N GLU B 160 15.59 -1.32 -1.71
CA GLU B 160 16.22 -1.70 -0.44
C GLU B 160 16.55 -3.19 -0.42
N LEU B 161 15.54 -4.02 -0.66
CA LEU B 161 15.75 -5.46 -0.53
C LEU B 161 16.73 -5.96 -1.57
N LEU B 162 16.68 -5.39 -2.77
CA LEU B 162 17.50 -5.91 -3.84
C LEU B 162 18.95 -5.49 -3.69
N THR B 163 19.20 -4.25 -3.25
CA THR B 163 20.57 -3.85 -2.98
C THR B 163 21.19 -4.71 -1.89
N GLN B 164 20.43 -4.95 -0.80
CA GLN B 164 20.94 -5.84 0.23
C GLN B 164 21.15 -7.25 -0.32
N LYS B 165 20.27 -7.70 -1.21
CA LYS B 165 20.32 -9.08 -1.65
C LYS B 165 21.54 -9.32 -2.53
N LEU B 166 21.77 -8.46 -3.52
CA LEU B 166 22.99 -8.59 -4.30
C LEU B 166 24.24 -8.34 -3.47
N THR B 167 24.14 -7.55 -2.40
CA THR B 167 25.29 -7.47 -1.50
C THR B 167 25.55 -8.81 -0.82
N ASP B 168 24.50 -9.59 -0.57
CA ASP B 168 24.72 -10.91 0.02
C ASP B 168 25.38 -11.87 -0.97
N LEU B 169 24.95 -11.83 -2.23
CA LEU B 169 25.49 -12.75 -3.24
C LEU B 169 26.85 -12.34 -3.80
N GLU B 170 27.48 -11.29 -3.26
CA GLU B 170 28.75 -10.75 -3.76
C GLU B 170 28.74 -10.58 -5.28
N HIS B 171 27.70 -9.90 -5.76
CA HIS B 171 27.58 -9.60 -7.19
C HIS B 171 28.73 -8.71 -7.63
N PRO B 172 29.27 -8.87 -8.85
CA PRO B 172 30.40 -8.01 -9.26
C PRO B 172 30.07 -6.54 -9.38
N MET B 173 28.79 -6.17 -9.51
CA MET B 173 28.45 -4.76 -9.63
C MET B 173 28.72 -4.02 -8.34
N LEU B 174 28.12 -4.46 -7.25
CA LEU B 174 28.13 -3.68 -6.02
C LEU B 174 29.52 -3.63 -5.40
N MET B 175 30.18 -4.78 -5.27
CA MET B 175 31.40 -4.83 -4.46
C MET B 175 32.51 -4.04 -5.14
N SER B 176 33.21 -3.23 -4.36
CA SER B 176 34.36 -2.47 -4.84
C SER B 176 35.56 -3.40 -4.77
N ASN B 177 36.75 -2.88 -5.08
CA ASN B 177 37.96 -3.65 -4.96
C ASN B 177 38.08 -4.17 -3.51
N PRO B 178 38.53 -5.49 -3.32
CA PRO B 178 38.67 -6.00 -1.95
C PRO B 178 39.56 -5.10 -1.12
N VAL B 179 39.17 -4.91 0.14
CA VAL B 179 39.87 -4.05 1.07
C VAL B 179 40.04 -4.82 2.37
N CYS B 180 41.27 -4.85 2.88
CA CYS B 180 41.56 -5.56 4.11
C CYS B 180 42.65 -4.80 4.85
N LEU B 181 42.29 -4.16 5.96
CA LEU B 181 43.21 -3.41 6.80
C LEU B 181 43.13 -3.94 8.22
N SER B 182 44.28 -4.08 8.85
CA SER B 182 44.31 -4.42 10.26
C SER B 182 43.72 -3.28 11.09
N HIS B 183 43.46 -3.59 12.36
CA HIS B 183 43.00 -2.55 13.27
C HIS B 183 44.07 -1.48 13.43
N ARG B 184 45.34 -1.87 13.50
CA ARG B 184 46.40 -0.85 13.59
C ARG B 184 46.59 -0.15 12.25
N GLU B 185 46.47 -0.87 11.14
CA GLU B 185 46.57 -0.24 9.83
C GLU B 185 45.45 0.76 9.62
N ARG B 186 44.22 0.35 9.93
CA ARG B 186 43.09 1.26 9.82
C ARG B 186 43.25 2.43 10.76
N GLU B 187 43.77 2.19 11.97
CA GLU B 187 43.91 3.25 12.95
C GLU B 187 44.95 4.27 12.52
N ILE B 188 46.09 3.83 12.00
CA ILE B 188 47.12 4.77 11.59
C ILE B 188 46.66 5.55 10.36
N LEU B 189 45.96 4.89 9.44
CA LEU B 189 45.44 5.60 8.28
C LEU B 189 44.36 6.59 8.68
N GLN B 190 43.53 6.25 9.66
CA GLN B 190 42.54 7.19 10.15
C GLN B 190 43.19 8.38 10.80
N TRP B 191 44.26 8.15 11.56
CA TRP B 191 44.91 9.26 12.24
C TRP B 191 45.57 10.20 11.24
N THR B 192 46.26 9.65 10.24
CA THR B 192 46.87 10.50 9.22
C THR B 192 45.89 11.05 8.21
N ALA B 193 44.67 10.50 8.13
CA ALA B 193 43.66 11.06 7.24
C ALA B 193 43.36 12.50 7.62
N ASP B 194 43.22 12.76 8.92
CA ASP B 194 43.36 14.12 9.41
C ASP B 194 44.78 14.56 9.14
N GLY B 195 44.92 15.70 8.47
CA GLY B 195 46.22 16.16 8.00
C GLY B 195 47.21 16.43 9.11
N LYS B 196 48.18 15.53 9.27
CA LYS B 196 49.27 15.71 10.20
C LYS B 196 50.51 15.03 9.64
N SER B 197 51.68 15.56 10.00
CA SER B 197 52.92 14.95 9.60
C SER B 197 53.09 13.60 10.28
N SER B 198 53.89 12.73 9.65
CA SER B 198 54.15 11.42 10.22
C SER B 198 54.86 11.52 11.57
N GLY B 199 55.65 12.57 11.77
CA GLY B 199 56.32 12.75 13.04
C GLY B 199 55.35 12.97 14.19
N GLU B 200 54.37 13.85 13.99
CA GLU B 200 53.36 14.09 15.03
C GLU B 200 52.60 12.81 15.35
N ILE B 201 52.27 12.04 14.31
CA ILE B 201 51.61 10.76 14.48
C ILE B 201 52.49 9.83 15.32
N ALA B 202 53.78 9.81 15.03
CA ALA B 202 54.71 8.95 15.76
C ALA B 202 54.76 9.34 17.24
N ILE B 203 54.72 10.64 17.52
CA ILE B 203 54.70 11.08 18.92
C ILE B 203 53.42 10.60 19.61
N ILE B 204 52.26 10.80 18.98
CA ILE B 204 51.02 10.50 19.70
C ILE B 204 50.81 9.00 19.85
N LEU B 205 51.20 8.21 18.86
CA LEU B 205 51.11 6.75 18.99
C LEU B 205 52.22 6.14 19.83
N SER B 206 53.23 6.91 20.22
CA SER B 206 54.33 6.40 21.05
C SER B 206 55.08 5.28 20.34
N ILE B 207 55.29 5.44 19.03
CA ILE B 207 56.01 4.47 18.22
C ILE B 207 56.85 5.27 17.25
N SER B 208 58.00 4.71 16.86
CA SER B 208 58.98 5.44 16.07
C SER B 208 58.45 5.78 14.68
N GLU B 209 59.10 6.76 14.05
CA GLU B 209 58.70 7.20 12.71
C GLU B 209 58.89 6.10 11.68
N SER B 210 59.85 5.21 11.90
CA SER B 210 60.10 4.14 10.95
C SER B 210 58.89 3.23 10.81
N THR B 211 58.23 2.91 11.92
CA THR B 211 57.06 2.04 11.86
C THR B 211 55.91 2.69 11.12
N VAL B 212 55.68 3.99 11.37
CA VAL B 212 54.57 4.65 10.70
C VAL B 212 54.85 4.77 9.20
N ASN B 213 56.10 5.04 8.84
CA ASN B 213 56.44 5.03 7.41
C ASN B 213 56.30 3.62 6.83
N PHE B 214 56.60 2.59 7.62
CA PHE B 214 56.46 1.23 7.16
C PHE B 214 55.00 0.90 6.86
N HIS B 215 54.11 1.21 7.80
CA HIS B 215 52.70 0.96 7.60
C HIS B 215 52.15 1.80 6.46
N HIS B 216 52.63 3.04 6.33
CA HIS B 216 52.25 3.86 5.19
C HIS B 216 52.66 3.20 3.88
N LYS B 217 53.86 2.64 3.82
CA LYS B 217 54.29 1.92 2.63
C LYS B 217 53.40 0.71 2.37
N ASN B 218 52.92 0.06 3.43
CA ASN B 218 52.00 -1.06 3.25
C ASN B 218 50.69 -0.60 2.62
N ILE B 219 50.12 0.50 3.11
CA ILE B 219 48.89 1.01 2.48
C ILE B 219 49.16 1.48 1.05
N GLN B 220 50.34 2.05 0.82
CA GLN B 220 50.72 2.45 -0.54
C GLN B 220 50.68 1.27 -1.48
N LYS B 221 51.29 0.16 -1.07
CA LYS B 221 51.28 -1.02 -1.92
C LYS B 221 49.90 -1.63 -2.02
N LYS B 222 49.07 -1.47 -0.97
CA LYS B 222 47.72 -2.01 -1.04
C LYS B 222 46.90 -1.28 -2.09
N PHE B 223 46.86 0.06 -2.03
CA PHE B 223 46.03 0.84 -2.93
C PHE B 223 46.68 1.13 -4.27
N ASP B 224 47.92 0.68 -4.49
CA ASP B 224 48.70 1.01 -5.69
C ASP B 224 48.81 2.54 -5.84
N ALA B 225 49.07 3.21 -4.73
CA ALA B 225 49.05 4.66 -4.69
C ALA B 225 50.41 5.24 -5.07
N PRO B 226 50.45 6.47 -5.64
CA PRO B 226 51.72 7.20 -5.74
C PRO B 226 51.91 8.22 -4.62
N ASN B 227 50.87 8.50 -3.83
CA ASN B 227 50.98 9.52 -2.80
C ASN B 227 49.94 9.23 -1.73
N LYS B 228 50.24 9.66 -0.50
CA LYS B 228 49.37 9.36 0.64
C LYS B 228 48.00 9.97 0.46
N THR B 229 47.89 11.07 -0.28
CA THR B 229 46.61 11.71 -0.52
C THR B 229 45.65 10.75 -1.21
N LEU B 230 46.15 9.97 -2.17
CA LEU B 230 45.31 8.98 -2.84
C LEU B 230 44.79 7.97 -1.84
N ALA B 231 45.66 7.49 -0.96
CA ALA B 231 45.25 6.50 0.01
C ALA B 231 44.18 7.04 0.93
N ALA B 232 44.37 8.26 1.43
CA ALA B 232 43.39 8.85 2.33
C ALA B 232 42.08 9.10 1.60
N ALA B 233 42.15 9.53 0.35
CA ALA B 233 40.93 9.84 -0.40
C ALA B 233 40.12 8.58 -0.64
N TYR B 234 40.77 7.52 -1.12
CA TYR B 234 40.06 6.27 -1.35
C TYR B 234 39.55 5.70 -0.03
N ALA B 235 40.31 5.88 1.05
CA ALA B 235 39.87 5.39 2.35
C ALA B 235 38.61 6.12 2.80
N ALA B 236 38.56 7.42 2.61
CA ALA B 236 37.35 8.16 2.97
C ALA B 236 36.20 7.76 2.07
N ALA B 237 36.46 7.57 0.78
CA ALA B 237 35.39 7.26 -0.16
C ALA B 237 34.77 5.91 0.15
N LEU B 238 35.60 4.89 0.36
CA LEU B 238 35.07 3.56 0.64
C LEU B 238 34.43 3.46 2.02
N GLY B 239 34.60 4.45 2.88
CA GLY B 239 34.00 4.38 4.21
C GLY B 239 34.55 3.24 5.03
N LEU B 240 35.87 3.05 5.01
CA LEU B 240 36.54 1.93 5.66
C LEU B 240 37.60 2.39 6.66
N ILE B 241 37.45 3.60 7.19
CA ILE B 241 38.33 4.11 8.23
C ILE B 241 37.49 4.84 9.26
N MET C 1 -10.72 -19.17 16.53
CA MET C 1 -11.97 -18.51 16.15
C MET C 1 -11.70 -17.03 15.95
N LEU C 2 -12.56 -16.37 15.17
CA LEU C 2 -12.37 -14.96 14.81
C LEU C 2 -13.26 -14.03 15.62
N ARG C 3 -14.58 -14.18 15.54
CA ARG C 3 -15.48 -13.41 16.39
C ARG C 3 -15.48 -14.04 17.77
N LEU C 4 -14.59 -13.58 18.63
CA LEU C 4 -14.60 -14.05 20.02
C LEU C 4 -15.81 -13.42 20.66
N SER C 5 -16.92 -14.16 20.64
CA SER C 5 -18.24 -13.62 20.89
C SER C 5 -18.81 -13.93 22.25
N ALA C 6 -18.32 -14.95 22.94
CA ALA C 6 -18.96 -15.39 24.17
C ALA C 6 -18.74 -14.36 25.28
N PRO C 7 -19.55 -14.37 26.34
CA PRO C 7 -19.24 -13.53 27.50
C PRO C 7 -18.03 -14.03 28.25
N GLY C 8 -17.68 -13.37 29.34
CA GLY C 8 -16.54 -13.76 30.14
C GLY C 8 -15.23 -13.21 29.61
N GLN C 9 -14.14 -13.90 29.91
CA GLN C 9 -12.82 -13.46 29.46
C GLN C 9 -12.72 -13.56 27.94
N LEU C 10 -12.06 -12.57 27.33
CA LEU C 10 -11.78 -12.54 25.90
C LEU C 10 -10.29 -12.59 25.62
N ASP C 11 -9.51 -11.72 26.24
CA ASP C 11 -8.06 -11.65 26.09
C ASP C 11 -7.47 -11.57 27.51
N ASP C 12 -6.14 -11.42 27.59
CA ASP C 12 -5.49 -11.44 28.90
C ASP C 12 -6.10 -10.43 29.86
N ASP C 13 -6.52 -9.28 29.36
CA ASP C 13 -6.98 -8.17 30.19
C ASP C 13 -8.23 -7.54 29.60
N LEU C 14 -9.17 -8.39 29.17
CA LEU C 14 -10.38 -7.89 28.53
C LEU C 14 -11.49 -8.91 28.74
N CYS C 15 -12.63 -8.45 29.24
CA CYS C 15 -13.79 -9.30 29.48
C CYS C 15 -15.02 -8.63 28.88
N LEU C 16 -15.98 -9.46 28.45
CA LEU C 16 -17.24 -9.01 27.88
C LEU C 16 -18.33 -9.27 28.90
N LEU C 17 -19.13 -8.24 29.18
CA LEU C 17 -20.21 -8.32 30.15
C LEU C 17 -21.54 -8.24 29.42
N GLY C 18 -22.53 -8.96 29.93
CA GLY C 18 -23.85 -8.83 29.36
C GLY C 18 -23.94 -9.44 27.98
N ASP C 19 -25.01 -9.07 27.29
CA ASP C 19 -25.31 -9.67 25.99
C ASP C 19 -24.33 -9.16 24.94
N VAL C 20 -23.96 -10.05 24.02
CA VAL C 20 -22.93 -9.71 23.04
C VAL C 20 -23.42 -8.66 22.05
N GLN C 21 -24.72 -8.66 21.74
CA GLN C 21 -25.25 -7.75 20.73
C GLN C 21 -25.18 -6.27 21.15
N VAL C 22 -25.06 -5.97 22.44
CA VAL C 22 -24.85 -4.61 22.94
C VAL C 22 -23.79 -4.64 24.04
N PRO C 23 -22.52 -4.90 23.71
CA PRO C 23 -21.56 -5.33 24.73
C PRO C 23 -21.19 -4.21 25.68
N VAL C 24 -20.71 -4.61 26.86
CA VAL C 24 -20.21 -3.71 27.88
C VAL C 24 -18.83 -4.24 28.24
N PHE C 25 -17.80 -3.58 27.73
CA PHE C 25 -16.44 -4.11 27.75
C PHE C 25 -15.66 -3.57 28.94
N LEU C 26 -14.86 -4.44 29.53
CA LEU C 26 -14.15 -4.20 30.78
C LEU C 26 -12.68 -4.47 30.54
N LEU C 27 -11.82 -3.62 31.11
CA LEU C 27 -10.38 -3.68 30.93
C LEU C 27 -9.71 -3.80 32.28
N ARG C 28 -8.75 -4.73 32.38
CA ARG C 28 -7.95 -4.88 33.60
C ARG C 28 -6.76 -3.95 33.48
N LEU C 29 -6.85 -2.81 34.15
CA LEU C 29 -5.77 -1.85 34.17
C LEU C 29 -4.69 -2.19 35.17
N GLY C 30 -4.96 -3.05 36.15
CA GLY C 30 -3.93 -3.36 37.12
C GLY C 30 -4.40 -4.24 38.25
N GLU C 31 -3.88 -3.97 39.45
CA GLU C 31 -4.10 -4.86 40.59
C GLU C 31 -5.44 -4.60 41.24
N ALA C 32 -5.77 -3.33 41.44
CA ALA C 32 -7.03 -2.90 42.02
C ALA C 32 -7.64 -1.80 41.18
N SER C 33 -7.64 -1.99 39.87
CA SER C 33 -8.13 -1.02 38.90
C SER C 33 -8.99 -1.73 37.87
N TRP C 34 -9.98 -1.02 37.35
CA TRP C 34 -10.87 -1.52 36.32
C TRP C 34 -11.32 -0.35 35.49
N ALA C 35 -11.86 -0.62 34.31
CA ALA C 35 -12.41 0.46 33.49
C ALA C 35 -13.37 -0.11 32.48
N LEU C 36 -14.64 0.24 32.60
CA LEU C 36 -15.63 -0.19 31.63
C LEU C 36 -15.42 0.55 30.31
N VAL C 37 -15.94 -0.03 29.25
CA VAL C 37 -15.79 0.50 27.89
C VAL C 37 -17.09 0.26 27.14
N GLU C 38 -17.45 1.18 26.27
CA GLU C 38 -18.48 1.10 25.24
C GLU C 38 -19.88 1.28 25.82
N GLY C 39 -20.07 1.29 27.13
CA GLY C 39 -21.39 1.59 27.66
C GLY C 39 -22.39 0.48 27.36
N GLY C 40 -23.67 0.83 27.43
CA GLY C 40 -24.70 -0.17 27.20
C GLY C 40 -26.08 0.44 27.10
N ILE C 41 -27.06 -0.44 26.98
CA ILE C 41 -28.47 -0.05 26.89
C ILE C 41 -29.13 -0.20 28.24
N SER C 42 -30.35 0.34 28.36
CA SER C 42 -30.98 0.44 29.68
C SER C 42 -31.53 -0.89 30.15
N ARG C 43 -32.02 -1.73 29.26
CA ARG C 43 -32.70 -2.95 29.71
C ARG C 43 -31.74 -3.91 30.39
N ASP C 44 -30.47 -3.90 29.99
CA ASP C 44 -29.51 -4.90 30.45
C ASP C 44 -28.84 -4.55 31.77
N ALA C 45 -29.34 -3.53 32.48
CA ALA C 45 -28.64 -3.00 33.65
C ALA C 45 -28.45 -4.07 34.71
N GLU C 46 -29.55 -4.67 35.17
CA GLU C 46 -29.46 -5.75 36.15
C GLU C 46 -28.69 -6.95 35.63
N LEU C 47 -28.59 -7.13 34.31
CA LEU C 47 -27.70 -8.14 33.79
C LEU C 47 -26.25 -7.70 33.95
N VAL C 48 -25.91 -6.51 33.44
CA VAL C 48 -24.51 -6.16 33.22
C VAL C 48 -23.78 -6.03 34.54
N TRP C 49 -24.37 -5.28 35.47
CA TRP C 49 -23.79 -5.16 36.80
C TRP C 49 -23.70 -6.50 37.49
N ALA C 50 -24.69 -7.38 37.24
CA ALA C 50 -24.64 -8.69 37.84
C ALA C 50 -23.48 -9.51 37.28
N ASP C 51 -23.06 -9.25 36.04
CA ASP C 51 -21.84 -9.85 35.55
C ASP C 51 -20.60 -9.13 36.09
N LEU C 52 -20.71 -7.83 36.36
CA LEU C 52 -19.56 -7.09 36.88
C LEU C 52 -19.11 -7.66 38.21
N CYS C 53 -20.07 -8.04 39.06
CA CYS C 53 -19.77 -8.64 40.33
C CYS C 53 -18.99 -9.94 40.20
N ARG C 54 -19.09 -10.64 39.06
CA ARG C 54 -18.26 -11.82 38.87
C ARG C 54 -16.81 -11.44 38.59
N TRP C 55 -16.58 -10.41 37.79
CA TRP C 55 -15.23 -10.07 37.34
C TRP C 55 -14.55 -9.01 38.19
N VAL C 56 -15.23 -8.45 39.18
CA VAL C 56 -14.68 -7.37 40.01
C VAL C 56 -15.00 -7.71 41.46
N ALA C 57 -14.01 -7.57 42.33
CA ALA C 57 -14.22 -7.90 43.73
C ALA C 57 -15.26 -6.97 44.35
N ASP C 58 -15.16 -5.68 44.05
CA ASP C 58 -16.09 -4.69 44.58
C ASP C 58 -16.07 -3.52 43.62
N PRO C 59 -17.22 -2.84 43.41
CA PRO C 59 -17.32 -1.92 42.26
C PRO C 59 -16.40 -0.72 42.33
N SER C 60 -15.84 -0.40 43.49
CA SER C 60 -15.03 0.80 43.63
CA SER C 60 -15.03 0.80 43.63
C SER C 60 -13.76 0.76 42.79
N GLN C 61 -13.28 -0.42 42.43
CA GLN C 61 -12.03 -0.50 41.70
C GLN C 61 -12.14 0.03 40.27
N VAL C 62 -13.34 0.30 39.76
CA VAL C 62 -13.44 1.01 38.50
C VAL C 62 -12.89 2.42 38.71
N HIS C 63 -12.32 2.98 37.65
CA HIS C 63 -11.87 4.37 37.66
C HIS C 63 -12.30 5.17 36.44
N TYR C 64 -12.45 4.53 35.27
CA TYR C 64 -12.76 5.23 34.04
C TYR C 64 -13.82 4.46 33.27
N TRP C 65 -14.73 5.19 32.63
CA TRP C 65 -15.71 4.64 31.70
C TRP C 65 -15.55 5.37 30.38
N LEU C 66 -15.31 4.60 29.32
CA LEU C 66 -15.15 5.14 27.98
C LEU C 66 -16.48 4.99 27.26
N ILE C 67 -16.98 6.09 26.71
CA ILE C 67 -18.20 6.10 25.89
C ILE C 67 -17.87 6.70 24.55
N THR C 68 -18.40 6.09 23.49
CA THR C 68 -17.98 6.40 22.13
C THR C 68 -19.06 6.99 21.25
N HIS C 69 -20.27 7.20 21.76
CA HIS C 69 -21.42 7.44 20.90
C HIS C 69 -22.45 8.25 21.68
N LYS C 70 -23.31 8.94 20.95
CA LYS C 70 -24.41 9.70 21.51
C LYS C 70 -25.69 8.89 21.64
N HIS C 71 -25.88 7.89 20.79
CA HIS C 71 -27.21 7.33 20.58
C HIS C 71 -27.63 6.51 21.79
N TYR C 72 -28.83 5.93 21.70
CA TYR C 72 -29.35 5.06 22.75
C TYR C 72 -28.54 3.77 22.89
N ASP C 73 -27.77 3.39 21.86
CA ASP C 73 -27.10 2.10 21.82
C ASP C 73 -26.22 1.89 23.05
N HIS C 74 -25.57 2.96 23.50
CA HIS C 74 -24.46 2.89 24.43
C HIS C 74 -24.48 3.88 25.57
N CYS C 75 -25.31 4.90 25.50
CA CYS C 75 -25.52 5.80 26.62
C CYS C 75 -26.54 5.30 27.62
N GLY C 76 -27.31 4.26 27.29
CA GLY C 76 -28.43 3.88 28.13
C GLY C 76 -28.03 3.36 29.49
N LEU C 77 -26.90 2.69 29.58
CA LEU C 77 -26.51 2.10 30.85
C LEU C 77 -25.99 3.12 31.84
N LEU C 78 -25.64 4.33 31.40
CA LEU C 78 -24.90 5.25 32.26
C LEU C 78 -25.66 5.69 33.51
N PRO C 79 -26.88 6.21 33.44
CA PRO C 79 -27.51 6.71 34.67
C PRO C 79 -27.92 5.62 35.63
N TYR C 80 -28.02 4.37 35.18
CA TYR C 80 -28.51 3.29 36.01
C TYR C 80 -27.44 2.53 36.78
N LEU C 81 -26.15 2.83 36.55
CA LEU C 81 -25.06 2.26 37.33
C LEU C 81 -24.21 3.28 38.06
N CYS C 82 -24.18 4.52 37.61
CA CYS C 82 -23.30 5.51 38.22
C CYS C 82 -23.58 5.75 39.70
N PRO C 83 -24.82 5.78 40.18
CA PRO C 83 -25.03 5.80 41.65
C PRO C 83 -24.42 4.61 42.37
N ARG C 84 -24.41 3.42 41.75
CA ARG C 84 -23.78 2.28 42.43
C ARG C 84 -22.28 2.47 42.52
N LEU C 85 -21.64 2.83 41.43
CA LEU C 85 -20.19 2.97 41.43
C LEU C 85 -19.84 4.23 42.21
N PRO C 86 -19.02 4.17 43.28
CA PRO C 86 -18.68 5.42 43.99
C PRO C 86 -17.98 6.44 43.15
N ASN C 87 -17.24 6.05 42.12
CA ASN C 87 -16.50 7.02 41.34
C ASN C 87 -16.08 6.40 40.02
N VAL C 88 -16.32 7.14 38.95
CA VAL C 88 -15.83 6.76 37.63
C VAL C 88 -15.94 7.99 36.75
N GLN C 89 -14.90 8.22 35.96
CA GLN C 89 -14.91 9.33 35.00
C GLN C 89 -15.52 8.82 33.70
N VAL C 90 -16.62 9.45 33.29
CA VAL C 90 -17.33 9.04 32.07
C VAL C 90 -16.65 9.80 30.93
N LEU C 91 -15.52 9.26 30.50
CA LEU C 91 -14.77 9.91 29.43
C LEU C 91 -15.53 9.76 28.14
N ALA C 92 -15.81 10.88 27.48
CA ALA C 92 -16.61 10.90 26.27
C ALA C 92 -16.27 12.16 25.50
N SER C 93 -16.72 12.19 24.25
CA SER C 93 -16.38 13.28 23.34
C SER C 93 -16.97 14.60 23.84
N GLU C 94 -16.29 15.69 23.49
CA GLU C 94 -16.67 17.00 23.97
C GLU C 94 -18.05 17.38 23.48
N ARG C 95 -18.33 17.11 22.21
CA ARG C 95 -19.65 17.40 21.65
C ARG C 95 -20.73 16.52 22.26
N THR C 96 -20.39 15.34 22.76
CA THR C 96 -21.40 14.50 23.38
C THR C 96 -21.79 15.02 24.75
N CYS C 97 -20.88 15.75 25.42
CA CYS C 97 -21.19 16.30 26.73
C CYS C 97 -22.34 17.29 26.65
N GLN C 98 -22.34 18.13 25.62
CA GLN C 98 -23.46 19.04 25.41
C GLN C 98 -24.74 18.26 25.14
N ALA C 99 -24.62 17.14 24.45
CA ALA C 99 -25.79 16.31 24.19
C ALA C 99 -26.38 15.80 25.48
N TRP C 100 -25.53 15.36 26.42
CA TRP C 100 -26.10 14.94 27.70
C TRP C 100 -26.65 16.12 28.48
N LYS C 101 -26.01 17.29 28.36
CA LYS C 101 -26.45 18.44 29.12
C LYS C 101 -27.84 18.88 28.70
N SER C 102 -28.13 18.80 27.41
CA SER C 102 -29.42 19.24 26.90
C SER C 102 -30.54 18.37 27.44
N GLU C 103 -31.68 19.00 27.72
CA GLU C 103 -32.88 18.28 28.11
C GLU C 103 -33.58 17.63 26.94
N SER C 104 -33.37 18.11 25.72
CA SER C 104 -34.09 17.57 24.57
C SER C 104 -33.66 16.15 24.27
N ALA C 105 -32.35 15.90 24.21
CA ALA C 105 -31.86 14.61 23.75
C ALA C 105 -32.19 13.50 24.73
N VAL C 106 -32.16 13.79 26.03
CA VAL C 106 -32.41 12.77 27.03
C VAL C 106 -33.84 12.25 26.93
N ARG C 107 -34.78 13.10 26.51
CA ARG C 107 -36.14 12.65 26.28
C ARG C 107 -36.16 11.53 25.24
N VAL C 108 -35.49 11.76 24.11
CA VAL C 108 -35.47 10.76 23.04
C VAL C 108 -34.78 9.49 23.51
N VAL C 109 -33.62 9.63 24.15
CA VAL C 109 -32.83 8.46 24.51
C VAL C 109 -33.56 7.63 25.56
N GLU C 110 -34.09 8.28 26.60
CA GLU C 110 -34.73 7.53 27.67
C GLU C 110 -36.02 6.89 27.20
N ARG C 111 -36.84 7.61 26.42
CA ARG C 111 -38.08 7.01 25.93
C ARG C 111 -37.78 5.84 25.00
N LEU C 112 -36.80 6.00 24.11
CA LEU C 112 -36.45 4.93 23.18
C LEU C 112 -35.95 3.71 23.94
N ASN C 113 -35.12 3.91 24.95
CA ASN C 113 -34.63 2.78 25.72
C ASN C 113 -35.75 2.12 26.50
N ARG C 114 -36.64 2.92 27.11
CA ARG C 114 -37.74 2.35 27.86
C ARG C 114 -38.67 1.55 26.96
N GLN C 115 -38.73 1.88 25.68
CA GLN C 115 -39.48 1.05 24.74
C GLN C 115 -38.91 -0.37 24.66
N LEU C 116 -37.62 -0.55 24.90
CA LEU C 116 -36.97 -1.84 24.69
C LEU C 116 -37.09 -2.80 25.86
N LEU C 117 -37.68 -2.39 26.97
CA LEU C 117 -37.68 -3.24 28.15
C LEU C 117 -38.59 -4.45 27.97
N ARG C 118 -38.30 -5.49 28.73
CA ARG C 118 -39.22 -6.61 28.81
C ARG C 118 -40.44 -6.21 29.63
N ALA C 119 -41.46 -7.06 29.61
CA ALA C 119 -42.73 -6.73 30.24
C ALA C 119 -42.65 -6.65 31.76
N GLU C 120 -41.57 -7.13 32.38
CA GLU C 120 -41.47 -7.20 33.83
C GLU C 120 -40.66 -6.05 34.40
N GLN C 121 -39.39 -5.91 34.00
CA GLN C 121 -38.45 -5.14 34.80
C GLN C 121 -38.72 -3.65 34.75
N ARG C 122 -38.61 -3.02 35.90
CA ARG C 122 -38.47 -1.58 36.04
C ARG C 122 -37.05 -1.30 36.47
N LEU C 123 -36.49 -0.19 35.98
CA LEU C 123 -35.11 0.13 36.28
C LEU C 123 -34.97 0.57 37.74
N PRO C 124 -33.76 0.52 38.30
CA PRO C 124 -33.55 0.98 39.67
C PRO C 124 -33.39 2.50 39.70
N GLU C 125 -33.16 3.02 40.90
CA GLU C 125 -32.97 4.46 41.07
C GLU C 125 -31.73 4.93 40.29
N ALA C 126 -31.88 6.07 39.64
CA ALA C 126 -30.86 6.59 38.74
C ALA C 126 -30.85 8.11 38.78
N CYS C 127 -29.67 8.69 38.79
CA CYS C 127 -29.53 10.12 38.91
C CYS C 127 -29.86 10.80 37.59
N ALA C 128 -30.15 12.09 37.68
CA ALA C 128 -30.40 12.87 36.48
C ALA C 128 -29.16 12.94 35.61
N TRP C 129 -29.35 13.21 34.33
CA TRP C 129 -28.23 13.14 33.40
C TRP C 129 -27.22 14.24 33.67
N ASP C 130 -27.68 15.41 34.11
CA ASP C 130 -26.79 16.55 34.27
C ASP C 130 -25.71 16.30 35.31
N ALA C 131 -25.99 15.48 36.33
CA ALA C 131 -25.04 15.21 37.41
C ALA C 131 -24.13 14.03 37.11
N LEU C 132 -23.93 13.69 35.84
CA LEU C 132 -23.03 12.60 35.51
C LEU C 132 -21.59 12.98 35.88
N PRO C 133 -20.76 12.04 36.38
CA PRO C 133 -19.34 12.38 36.64
C PRO C 133 -18.50 12.28 35.37
N VAL C 134 -18.50 13.38 34.60
CA VAL C 134 -18.04 13.38 33.21
C VAL C 134 -16.84 14.30 33.07
N ARG C 135 -15.88 13.86 32.26
CA ARG C 135 -14.73 14.66 31.85
C ARG C 135 -14.58 14.50 30.35
N ALA C 136 -14.69 15.61 29.62
CA ALA C 136 -14.63 15.57 28.17
C ALA C 136 -13.24 15.14 27.71
N VAL C 137 -13.15 14.72 26.45
CA VAL C 137 -11.89 14.44 25.79
C VAL C 137 -11.97 14.94 24.36
N ALA C 138 -10.92 15.63 23.92
CA ALA C 138 -10.87 16.17 22.57
C ALA C 138 -10.18 15.16 21.65
N ASP C 139 -9.85 15.56 20.44
CA ASP C 139 -9.08 14.69 19.57
C ASP C 139 -7.69 14.47 20.13
N GLY C 140 -7.15 13.28 19.89
CA GLY C 140 -5.76 13.02 20.17
C GLY C 140 -5.35 13.07 21.62
N GLU C 141 -6.29 13.14 22.55
CA GLU C 141 -5.93 13.18 23.95
C GLU C 141 -5.45 11.82 24.40
N TRP C 142 -4.29 11.78 25.04
CA TRP C 142 -3.66 10.52 25.42
C TRP C 142 -4.21 10.08 26.76
N LEU C 143 -5.11 9.12 26.73
CA LEU C 143 -5.78 8.67 27.95
C LEU C 143 -4.86 7.69 28.65
N GLU C 144 -4.11 8.18 29.64
CA GLU C 144 -3.27 7.32 30.48
C GLU C 144 -4.15 6.61 31.50
N LEU C 145 -4.90 5.61 31.02
CA LEU C 145 -5.81 4.90 31.91
C LEU C 145 -5.07 4.10 32.97
N GLY C 146 -3.84 3.69 32.69
CA GLY C 146 -3.09 2.90 33.63
C GLY C 146 -1.66 2.68 33.18
N PRO C 147 -0.91 1.86 33.92
CA PRO C 147 0.46 1.56 33.48
C PRO C 147 0.52 0.88 32.12
N ARG C 148 -0.44 0.01 31.82
CA ARG C 148 -0.45 -0.82 30.62
C ARG C 148 -1.55 -0.42 29.65
N HIS C 149 -1.92 0.87 29.63
CA HIS C 149 -3.01 1.33 28.79
C HIS C 149 -2.72 2.77 28.41
N ARG C 150 -2.36 2.99 27.15
CA ARG C 150 -2.12 4.32 26.60
C ARG C 150 -3.03 4.44 25.38
N LEU C 151 -4.26 4.88 25.61
CA LEU C 151 -5.27 4.96 24.58
C LEU C 151 -5.34 6.35 23.98
N GLN C 152 -5.44 6.41 22.66
CA GLN C 152 -5.61 7.65 21.93
C GLN C 152 -7.04 7.75 21.46
N VAL C 153 -7.68 8.90 21.73
CA VAL C 153 -9.02 9.17 21.26
C VAL C 153 -8.92 9.82 19.89
N ILE C 154 -9.71 9.32 18.94
CA ILE C 154 -9.82 9.90 17.61
C ILE C 154 -11.29 10.21 17.38
N GLU C 155 -11.57 11.41 16.88
CA GLU C 155 -12.94 11.83 16.61
C GLU C 155 -13.33 11.33 15.22
N ALA C 156 -14.09 10.23 15.19
CA ALA C 156 -14.59 9.66 13.95
C ALA C 156 -16.00 10.18 13.70
N HIS C 157 -16.06 11.41 13.21
CA HIS C 157 -17.35 12.02 12.95
C HIS C 157 -18.04 11.30 11.81
N GLY C 158 -19.33 11.60 11.64
CA GLY C 158 -20.08 11.24 10.47
C GLY C 158 -21.18 10.23 10.74
N HIS C 159 -20.86 9.17 11.47
CA HIS C 159 -21.91 8.26 11.89
C HIS C 159 -22.86 8.95 12.85
N SER C 160 -22.30 9.80 13.70
CA SER C 160 -23.06 10.77 14.46
C SER C 160 -22.31 12.08 14.41
N ASP C 161 -22.82 13.06 15.15
CA ASP C 161 -22.11 14.32 15.26
C ASP C 161 -20.78 14.16 15.97
N ASP C 162 -20.67 13.17 16.84
CA ASP C 162 -19.67 13.19 17.91
C ASP C 162 -18.84 11.93 18.05
N HIS C 163 -19.15 10.89 17.30
CA HIS C 163 -18.66 9.55 17.58
C HIS C 163 -17.15 9.53 17.61
N VAL C 164 -16.59 9.26 18.78
CA VAL C 164 -15.17 9.09 18.95
C VAL C 164 -14.85 7.61 18.92
N VAL C 165 -13.59 7.27 18.77
CA VAL C 165 -13.11 5.90 18.81
C VAL C 165 -11.85 5.86 19.65
N PHE C 166 -11.73 4.83 20.47
CA PHE C 166 -10.59 4.66 21.36
C PHE C 166 -9.67 3.60 20.80
N TYR C 167 -8.37 3.83 20.89
CA TYR C 167 -7.37 2.95 20.28
C TYR C 167 -6.24 2.74 21.27
N ASP C 168 -6.13 1.53 21.78
CA ASP C 168 -5.00 1.12 22.60
C ASP C 168 -3.76 1.01 21.73
N VAL C 169 -2.74 1.80 22.03
CA VAL C 169 -1.53 1.76 21.21
C VAL C 169 -0.74 0.49 21.48
N ARG C 170 -0.74 0.01 22.73
CA ARG C 170 0.22 -1.02 23.10
C ARG C 170 -0.13 -2.37 22.50
N ARG C 171 -1.39 -2.78 22.60
CA ARG C 171 -1.87 -4.05 22.05
C ARG C 171 -2.51 -3.90 20.67
N ARG C 172 -2.52 -2.70 20.10
CA ARG C 172 -3.11 -2.44 18.79
C ARG C 172 -4.59 -2.82 18.76
N ARG C 173 -5.26 -2.52 19.87
CA ARG C 173 -6.69 -2.75 20.04
C ARG C 173 -7.42 -1.46 19.66
N LEU C 174 -8.68 -1.55 19.24
CA LEU C 174 -9.43 -0.37 18.81
C LEU C 174 -10.91 -0.62 19.08
N PHE C 175 -11.50 0.12 20.02
CA PHE C 175 -12.94 0.13 20.22
C PHE C 175 -13.51 1.24 19.34
N CYS C 176 -14.12 0.85 18.21
CA CYS C 176 -14.70 1.82 17.28
C CYS C 176 -16.18 2.06 17.48
N GLY C 177 -16.87 1.21 18.22
CA GLY C 177 -18.30 1.39 18.35
C GLY C 177 -18.97 1.15 17.01
N ASP C 178 -19.71 2.16 16.54
CA ASP C 178 -20.45 2.08 15.29
C ASP C 178 -19.71 2.75 14.12
N ALA C 179 -18.47 3.20 14.30
CA ALA C 179 -17.80 3.97 13.25
C ALA C 179 -17.55 3.12 12.01
N LEU C 180 -17.01 1.92 12.23
CA LEU C 180 -16.88 0.93 11.16
C LEU C 180 -18.22 0.45 10.65
N GLY C 181 -19.30 0.64 11.41
CA GLY C 181 -20.63 0.31 10.98
C GLY C 181 -21.21 -0.73 11.89
N GLU C 182 -21.53 -1.90 11.33
CA GLU C 182 -22.08 -3.01 12.08
C GLU C 182 -21.62 -4.29 11.41
N PHE C 183 -20.82 -5.07 12.13
CA PHE C 183 -20.35 -6.32 11.56
C PHE C 183 -21.50 -7.29 11.43
N ASP C 184 -21.72 -7.77 10.23
CA ASP C 184 -22.84 -8.68 10.00
C ASP C 184 -22.57 -10.00 10.70
N GLU C 185 -23.58 -10.50 11.41
CA GLU C 185 -23.43 -11.74 12.13
C GLU C 185 -23.20 -12.90 11.19
N ALA C 186 -24.00 -12.98 10.14
CA ALA C 186 -24.02 -14.16 9.27
C ALA C 186 -23.06 -13.99 8.10
N GLU C 187 -23.29 -12.97 7.28
CA GLU C 187 -22.70 -12.97 5.95
C GLU C 187 -21.26 -12.46 5.95
N GLY C 188 -20.80 -11.83 7.03
CA GLY C 188 -19.41 -11.52 7.24
C GLY C 188 -18.97 -10.14 6.82
N VAL C 189 -19.42 -9.66 5.69
CA VAL C 189 -18.98 -8.36 5.21
C VAL C 189 -19.54 -7.27 6.09
N TRP C 190 -18.82 -6.15 6.16
CA TRP C 190 -19.24 -5.02 6.96
C TRP C 190 -20.52 -4.42 6.40
N ARG C 191 -21.16 -3.60 7.23
CA ARG C 191 -22.48 -3.04 6.97
C ARG C 191 -22.43 -1.55 7.30
N PRO C 192 -22.50 -0.63 6.33
CA PRO C 192 -22.30 0.78 6.69
C PRO C 192 -23.49 1.34 7.45
N LEU C 193 -23.20 2.32 8.30
CA LEU C 193 -24.21 3.12 8.96
C LEU C 193 -23.73 4.55 8.99
N VAL C 194 -24.44 5.44 8.29
CA VAL C 194 -24.19 6.87 8.34
C VAL C 194 -25.54 7.54 8.51
N PHE C 195 -25.68 8.32 9.58
CA PHE C 195 -26.96 8.86 10.03
C PHE C 195 -27.00 10.38 10.09
N ASP C 196 -25.86 11.07 10.07
CA ASP C 196 -25.82 12.52 10.20
C ASP C 196 -24.87 13.21 9.25
N ASP C 197 -23.87 12.53 8.70
CA ASP C 197 -23.06 13.13 7.64
C ASP C 197 -22.35 12.01 6.89
N MET C 198 -22.05 12.29 5.63
CA MET C 198 -21.43 11.34 4.71
C MET C 198 -19.99 11.71 4.40
N GLU C 199 -19.74 12.97 4.05
CA GLU C 199 -18.40 13.37 3.66
C GLU C 199 -17.41 13.25 4.81
N ALA C 200 -17.86 13.57 6.03
CA ALA C 200 -17.00 13.42 7.18
C ALA C 200 -16.77 11.96 7.52
N TYR C 201 -17.74 11.10 7.22
CA TYR C 201 -17.62 9.68 7.57
C TYR C 201 -16.45 9.03 6.84
N LEU C 202 -16.31 9.32 5.55
CA LEU C 202 -15.19 8.76 4.81
C LEU C 202 -13.87 9.30 5.31
N GLU C 203 -13.84 10.57 5.75
CA GLU C 203 -12.63 11.11 6.34
C GLU C 203 -12.28 10.37 7.62
N SER C 204 -13.29 10.07 8.45
CA SER C 204 -13.04 9.32 9.67
C SER C 204 -12.50 7.93 9.36
N LEU C 205 -13.08 7.27 8.36
CA LEU C 205 -12.58 5.94 8.00
C LEU C 205 -11.18 6.03 7.41
N GLU C 206 -10.86 7.12 6.73
CA GLU C 206 -9.49 7.30 6.27
C GLU C 206 -8.53 7.40 7.44
N ARG C 207 -8.88 8.16 8.47
CA ARG C 207 -8.01 8.24 9.64
C ARG C 207 -7.89 6.89 10.33
N LEU C 208 -8.99 6.14 10.39
CA LEU C 208 -8.94 4.80 10.95
C LEU C 208 -7.99 3.91 10.16
N GLN C 209 -7.99 4.04 8.83
CA GLN C 209 -7.02 3.32 8.03
C GLN C 209 -5.61 3.78 8.35
N ARG C 210 -5.43 5.08 8.57
CA ARG C 210 -4.10 5.62 8.83
C ARG C 210 -3.54 5.10 10.13
N LEU C 211 -4.40 4.72 11.08
CA LEU C 211 -3.90 4.00 12.23
C LEU C 211 -3.27 2.68 11.76
N PRO C 212 -2.23 2.17 12.45
CA PRO C 212 -1.49 1.02 11.90
C PRO C 212 -2.31 -0.25 11.95
N THR C 213 -1.72 -1.38 11.55
CA THR C 213 -2.46 -2.64 11.47
C THR C 213 -3.01 -3.04 12.82
N LEU C 214 -4.27 -3.44 12.83
CA LEU C 214 -5.04 -3.65 14.05
C LEU C 214 -5.05 -5.13 14.40
N LEU C 215 -4.50 -5.48 15.55
CA LEU C 215 -4.60 -6.85 16.02
C LEU C 215 -6.05 -7.22 16.33
N GLN C 216 -6.78 -6.31 16.97
CA GLN C 216 -8.12 -6.59 17.47
C GLN C 216 -9.00 -5.38 17.17
N LEU C 217 -9.95 -5.55 16.27
CA LEU C 217 -10.96 -4.55 15.97
C LEU C 217 -12.21 -4.88 16.76
N ILE C 218 -12.78 -3.88 17.42
CA ILE C 218 -13.91 -4.06 18.33
C ILE C 218 -15.02 -3.08 17.98
N PRO C 219 -16.09 -3.49 17.30
CA PRO C 219 -17.27 -2.62 17.21
C PRO C 219 -18.13 -2.73 18.46
N GLY C 220 -19.14 -1.89 18.51
CA GLY C 220 -20.14 -1.89 19.55
C GLY C 220 -21.31 -2.80 19.29
N HIS C 221 -21.26 -3.63 18.25
CA HIS C 221 -22.29 -4.61 17.96
C HIS C 221 -21.61 -5.85 17.43
N GLY C 222 -21.79 -6.98 18.11
CA GLY C 222 -21.27 -8.25 17.66
C GLY C 222 -19.95 -8.69 18.26
N GLY C 223 -19.45 -8.01 19.29
CA GLY C 223 -18.30 -8.51 20.00
C GLY C 223 -16.99 -8.30 19.26
N LEU C 224 -15.93 -8.80 19.87
CA LEU C 224 -14.56 -8.56 19.44
C LEU C 224 -14.24 -9.35 18.17
N LEU C 225 -13.29 -8.82 17.40
CA LEU C 225 -12.78 -9.47 16.19
C LEU C 225 -11.27 -9.56 16.27
N ARG C 226 -10.71 -10.50 15.51
CA ARG C 226 -9.27 -10.72 15.46
C ARG C 226 -8.88 -11.15 14.06
N GLY C 227 -7.58 -11.04 13.78
CA GLY C 227 -7.02 -11.64 12.59
C GLY C 227 -7.02 -10.78 11.35
N ARG C 228 -7.13 -11.44 10.19
CA ARG C 228 -6.92 -10.77 8.91
C ARG C 228 -8.00 -9.73 8.65
N LEU C 229 -9.26 -10.08 8.91
CA LEU C 229 -10.35 -9.16 8.60
C LEU C 229 -10.34 -7.95 9.51
N ALA C 230 -9.96 -8.15 10.77
CA ALA C 230 -9.90 -7.02 11.69
C ALA C 230 -8.82 -6.04 11.28
N ALA C 231 -7.76 -6.52 10.64
CA ALA C 231 -6.69 -5.63 10.21
C ALA C 231 -7.18 -4.64 9.17
N ASP C 232 -7.80 -5.14 8.09
CA ASP C 232 -8.33 -4.30 7.03
C ASP C 232 -9.82 -3.98 7.25
N GLY C 233 -10.27 -3.99 8.50
CA GLY C 233 -11.63 -3.54 8.78
C GLY C 233 -11.85 -2.09 8.38
N ALA C 234 -10.84 -1.25 8.57
CA ALA C 234 -10.96 0.15 8.19
C ALA C 234 -11.16 0.29 6.68
N GLU C 235 -10.38 -0.43 5.90
CA GLU C 235 -10.54 -0.36 4.45
C GLU C 235 -11.90 -0.88 4.01
N SER C 236 -12.33 -2.00 4.60
CA SER C 236 -13.53 -2.66 4.12
C SER C 236 -14.78 -1.85 4.41
N ALA C 237 -14.84 -1.15 5.54
CA ALA C 237 -16.02 -0.34 5.82
C ALA C 237 -16.12 0.83 4.85
N TYR C 238 -14.99 1.49 4.56
CA TYR C 238 -14.93 2.50 3.52
C TYR C 238 -15.45 1.96 2.21
N THR C 239 -14.98 0.77 1.85
CA THR C 239 -15.34 0.19 0.57
C THR C 239 -16.83 -0.17 0.54
N GLU C 240 -17.37 -0.61 1.68
CA GLU C 240 -18.78 -0.94 1.72
C GLU C 240 -19.65 0.31 1.64
N CYS C 241 -19.18 1.41 2.23
CA CYS C 241 -19.91 2.66 2.08
C CYS C 241 -19.95 3.06 0.62
N LEU C 242 -18.82 2.93 -0.08
CA LEU C 242 -18.84 3.20 -1.51
C LEU C 242 -19.75 2.23 -2.26
N ARG C 243 -19.80 0.97 -1.82
CA ARG C 243 -20.69 0.02 -2.49
C ARG C 243 -22.15 0.41 -2.31
N LEU C 244 -22.53 0.84 -1.11
CA LEU C 244 -23.91 1.25 -0.91
C LEU C 244 -24.21 2.54 -1.66
N CYS C 245 -23.21 3.42 -1.81
CA CYS C 245 -23.38 4.58 -2.66
C CYS C 245 -23.68 4.15 -4.09
N ARG C 246 -22.92 3.18 -4.58
CA ARG C 246 -23.14 2.69 -5.94
C ARG C 246 -24.52 2.06 -6.08
N ARG C 247 -24.94 1.30 -5.07
CA ARG C 247 -26.26 0.68 -5.10
C ARG C 247 -27.36 1.72 -5.16
N LEU C 248 -27.29 2.73 -4.31
CA LEU C 248 -28.31 3.76 -4.32
C LEU C 248 -28.30 4.56 -5.60
N LEU C 249 -27.12 4.94 -6.09
CA LEU C 249 -27.07 5.72 -7.31
C LEU C 249 -27.58 4.93 -8.50
N TRP C 250 -27.24 3.64 -8.57
CA TRP C 250 -27.76 2.81 -9.65
C TRP C 250 -29.27 2.68 -9.57
N ARG C 251 -29.80 2.48 -8.36
CA ARG C 251 -31.23 2.34 -8.24
C ARG C 251 -31.94 3.65 -8.58
N GLN C 252 -31.37 4.77 -8.16
CA GLN C 252 -31.97 6.07 -8.48
C GLN C 252 -31.95 6.31 -9.97
N SER C 253 -30.84 5.98 -10.64
CA SER C 253 -30.78 6.14 -12.09
C SER C 253 -31.78 5.23 -12.78
N MET C 254 -31.93 4.00 -12.29
CA MET C 254 -32.91 3.08 -12.85
C MET C 254 -34.34 3.56 -12.61
N GLY C 255 -34.54 4.42 -11.61
CA GLY C 255 -35.82 5.09 -11.43
C GLY C 255 -36.72 4.47 -10.39
N GLU C 256 -36.32 3.37 -9.77
CA GLU C 256 -37.08 2.85 -8.64
C GLU C 256 -37.01 3.85 -7.50
N SER C 257 -38.13 4.01 -6.80
CA SER C 257 -38.26 5.07 -5.81
C SER C 257 -37.31 4.85 -4.64
N LEU C 258 -37.17 5.87 -3.81
CA LEU C 258 -36.19 5.82 -2.73
C LEU C 258 -36.58 4.81 -1.66
N ASP C 259 -37.83 4.89 -1.19
CA ASP C 259 -38.20 4.13 0.01
C ASP C 259 -38.28 2.64 -0.26
N GLU C 260 -38.48 2.23 -1.52
CA GLU C 260 -38.57 0.80 -1.82
C GLU C 260 -37.25 0.10 -1.53
N LEU C 261 -36.13 0.73 -1.89
CA LEU C 261 -34.83 0.19 -1.50
C LEU C 261 -34.68 0.15 0.01
N SER C 262 -35.21 1.17 0.70
CA SER C 262 -35.12 1.17 2.16
C SER C 262 -35.89 0.01 2.74
N GLU C 263 -37.09 -0.27 2.23
CA GLU C 263 -37.87 -1.39 2.72
C GLU C 263 -37.16 -2.71 2.45
N GLU C 264 -36.62 -2.86 1.23
CA GLU C 264 -35.89 -4.09 0.90
C GLU C 264 -34.68 -4.27 1.79
N LEU C 265 -33.93 -3.20 2.02
CA LEU C 265 -32.72 -3.28 2.82
C LEU C 265 -33.07 -3.53 4.29
N HIS C 266 -34.18 -2.97 4.77
CA HIS C 266 -34.66 -3.28 6.11
C HIS C 266 -34.97 -4.76 6.22
N ARG C 267 -35.67 -5.31 5.23
CA ARG C 267 -35.96 -6.75 5.22
C ARG C 267 -34.68 -7.56 5.22
N ALA C 268 -33.66 -7.07 4.53
CA ALA C 268 -32.39 -7.79 4.47
C ALA C 268 -31.69 -7.82 5.82
N TRP C 269 -31.63 -6.68 6.51
CA TRP C 269 -30.68 -6.49 7.61
C TRP C 269 -31.27 -6.49 9.00
N GLY C 270 -32.56 -6.16 9.18
CA GLY C 270 -33.04 -5.91 10.52
C GLY C 270 -33.16 -7.13 11.41
N GLY C 271 -33.16 -8.33 10.81
CA GLY C 271 -33.46 -9.53 11.58
C GLY C 271 -32.44 -9.80 12.66
N GLN C 272 -31.15 -9.68 12.33
CA GLN C 272 -30.12 -9.93 13.34
C GLN C 272 -30.12 -8.86 14.43
N SER C 273 -30.55 -7.64 14.11
CA SER C 273 -30.53 -6.52 15.06
C SER C 273 -31.89 -6.27 15.69
N VAL C 274 -32.84 -7.20 15.56
CA VAL C 274 -34.20 -6.96 16.06
C VAL C 274 -34.24 -6.77 17.57
N ASP C 275 -33.30 -7.36 18.31
CA ASP C 275 -33.46 -7.48 19.75
C ASP C 275 -33.07 -6.23 20.52
N PHE C 276 -32.62 -5.17 19.86
CA PHE C 276 -32.30 -3.91 20.53
C PHE C 276 -33.02 -2.71 19.92
N LEU C 277 -33.62 -2.89 18.75
CA LEU C 277 -34.09 -1.84 17.85
C LEU C 277 -35.42 -2.25 17.21
N PRO C 278 -36.57 -1.79 17.71
CA PRO C 278 -37.83 -2.12 17.04
C PRO C 278 -37.87 -1.68 15.59
N GLY C 279 -38.53 -2.50 14.76
CA GLY C 279 -38.41 -2.35 13.32
C GLY C 279 -38.99 -1.05 12.79
N GLU C 280 -40.00 -0.50 13.47
CA GLU C 280 -40.62 0.72 12.98
C GLU C 280 -39.64 1.88 13.00
N LEU C 281 -38.77 1.92 14.02
CA LEU C 281 -37.71 2.91 14.03
C LEU C 281 -36.55 2.49 13.14
N HIS C 282 -36.37 1.18 12.92
CA HIS C 282 -35.32 0.72 12.02
C HIS C 282 -35.55 1.23 10.61
N LEU C 283 -36.80 1.15 10.14
CA LEU C 283 -37.15 1.62 8.81
C LEU C 283 -36.89 3.10 8.67
N GLY C 284 -37.32 3.90 9.66
CA GLY C 284 -37.09 5.33 9.58
C GLY C 284 -35.63 5.68 9.64
N SER C 285 -34.86 4.96 10.46
CA SER C 285 -33.43 5.21 10.58
C SER C 285 -32.73 4.97 9.26
N MET C 286 -32.99 3.82 8.64
CA MET C 286 -32.31 3.55 7.37
C MET C 286 -32.90 4.38 6.24
N ARG C 287 -34.15 4.82 6.36
CA ARG C 287 -34.67 5.83 5.45
C ARG C 287 -33.83 7.10 5.51
N ARG C 288 -33.51 7.53 6.73
CA ARG C 288 -32.63 8.70 6.88
C ARG C 288 -31.26 8.44 6.29
N MET C 289 -30.74 7.22 6.48
CA MET C 289 -29.43 6.87 5.93
C MET C 289 -29.44 7.00 4.41
N LEU C 290 -30.42 6.39 3.77
CA LEU C 290 -30.48 6.46 2.32
C LEU C 290 -30.77 7.88 1.85
N GLU C 291 -31.44 8.69 2.67
CA GLU C 291 -31.62 10.09 2.31
C GLU C 291 -30.29 10.82 2.27
N ILE C 292 -29.43 10.60 3.27
CA ILE C 292 -28.11 11.22 3.26
C ILE C 292 -27.30 10.73 2.07
N LEU C 293 -27.36 9.43 1.78
CA LEU C 293 -26.62 8.91 0.64
C LEU C 293 -27.11 9.52 -0.67
N SER C 294 -28.42 9.66 -0.83
CA SER C 294 -28.95 10.27 -2.04
C SER C 294 -28.53 11.73 -2.14
N ARG C 295 -28.48 12.42 -1.00
CA ARG C 295 -28.09 13.82 -1.02
C ARG C 295 -26.65 14.00 -1.46
N GLN C 296 -25.73 13.26 -0.84
CA GLN C 296 -24.31 13.53 -0.94
C GLN C 296 -23.58 12.45 -1.74
N ALA C 297 -22.38 12.81 -2.18
CA ALA C 297 -21.38 11.86 -2.69
C ALA C 297 -21.88 11.12 -3.94
N LEU C 298 -22.08 11.88 -5.01
CA LEU C 298 -22.33 11.29 -6.31
C LEU C 298 -21.01 10.77 -6.87
N MET D 1 -29.47 8.08 -18.99
CA MET D 1 -29.25 6.67 -19.28
C MET D 1 -27.80 6.30 -19.03
N LEU D 2 -27.59 5.42 -18.05
CA LEU D 2 -26.24 4.97 -17.68
C LEU D 2 -25.84 3.66 -18.34
N ARG D 3 -26.80 2.82 -18.73
CA ARG D 3 -26.54 1.51 -19.34
C ARG D 3 -27.47 1.38 -20.52
N LEU D 4 -26.94 1.60 -21.72
CA LEU D 4 -27.75 1.41 -22.91
C LEU D 4 -27.91 -0.09 -23.17
N SER D 5 -29.15 -0.56 -23.19
CA SER D 5 -29.48 -1.97 -23.21
C SER D 5 -30.10 -2.42 -24.53
N ALA D 6 -31.05 -1.67 -25.06
CA ALA D 6 -31.79 -2.15 -26.22
C ALA D 6 -30.90 -2.14 -27.46
N PRO D 7 -31.19 -2.99 -28.45
CA PRO D 7 -30.35 -3.01 -29.65
C PRO D 7 -30.71 -1.92 -30.63
N GLY D 8 -29.73 -1.55 -31.45
CA GLY D 8 -29.90 -0.54 -32.47
C GLY D 8 -28.67 0.30 -32.67
N GLN D 9 -28.87 1.57 -33.00
CA GLN D 9 -27.77 2.53 -33.16
C GLN D 9 -27.28 2.89 -31.75
N LEU D 10 -26.46 2.00 -31.20
CA LEU D 10 -25.91 2.21 -29.87
C LEU D 10 -25.00 3.43 -29.83
N ASP D 11 -24.20 3.64 -30.87
CA ASP D 11 -23.24 4.72 -30.90
C ASP D 11 -22.97 5.06 -32.36
N ASP D 12 -22.20 6.13 -32.58
CA ASP D 12 -21.94 6.59 -33.93
C ASP D 12 -21.16 5.57 -34.76
N ASP D 13 -20.43 4.65 -34.11
CA ASP D 13 -19.62 3.65 -34.80
C ASP D 13 -19.84 2.24 -34.28
N LEU D 14 -20.98 1.99 -33.64
CA LEU D 14 -21.20 0.71 -32.96
C LEU D 14 -22.69 0.46 -32.84
N CYS D 15 -23.09 -0.81 -32.97
CA CYS D 15 -24.49 -1.21 -32.86
C CYS D 15 -24.60 -2.58 -32.21
N LEU D 16 -25.33 -2.65 -31.10
CA LEU D 16 -25.60 -3.92 -30.45
C LEU D 16 -26.62 -4.72 -31.25
N LEU D 17 -26.45 -6.04 -31.28
CA LEU D 17 -27.36 -6.94 -31.97
C LEU D 17 -27.74 -8.10 -31.07
N GLY D 18 -28.90 -8.70 -31.33
CA GLY D 18 -29.32 -9.88 -30.61
C GLY D 18 -29.92 -9.55 -29.26
N ASP D 19 -30.05 -10.58 -28.43
CA ASP D 19 -30.54 -10.39 -27.07
C ASP D 19 -29.55 -9.58 -26.25
N VAL D 20 -30.08 -8.69 -25.42
CA VAL D 20 -29.23 -7.88 -24.56
C VAL D 20 -28.45 -8.74 -23.57
N GLN D 21 -29.03 -9.86 -23.15
CA GLN D 21 -28.37 -10.67 -22.13
C GLN D 21 -27.09 -11.30 -22.66
N VAL D 22 -27.09 -11.71 -23.93
CA VAL D 22 -25.97 -12.41 -24.55
C VAL D 22 -25.70 -11.76 -25.89
N PRO D 23 -25.25 -10.52 -25.94
CA PRO D 23 -25.29 -9.75 -27.18
C PRO D 23 -24.05 -9.96 -28.03
N VAL D 24 -24.19 -9.58 -29.30
CA VAL D 24 -23.10 -9.50 -30.26
C VAL D 24 -23.04 -8.05 -30.72
N PHE D 25 -21.84 -7.50 -30.79
CA PHE D 25 -21.63 -6.09 -31.09
C PHE D 25 -21.04 -5.94 -32.48
N LEU D 26 -21.64 -5.05 -33.26
CA LEU D 26 -21.14 -4.69 -34.58
C LEU D 26 -20.35 -3.41 -34.46
N LEU D 27 -19.16 -3.39 -35.05
CA LEU D 27 -18.30 -2.21 -35.09
C LEU D 27 -18.33 -1.65 -36.49
N ARG D 28 -18.84 -0.42 -36.62
CA ARG D 28 -18.87 0.29 -37.91
C ARG D 28 -17.55 1.03 -38.10
N LEU D 29 -16.50 0.26 -38.37
CA LEU D 29 -15.16 0.80 -38.45
C LEU D 29 -14.79 1.30 -39.84
N GLY D 30 -15.77 1.52 -40.71
CA GLY D 30 -15.48 2.17 -41.97
C GLY D 30 -16.66 2.20 -42.90
N GLU D 31 -16.59 3.05 -43.93
CA GLU D 31 -17.59 3.00 -44.99
C GLU D 31 -17.57 1.64 -45.67
N ALA D 32 -16.36 1.08 -45.84
CA ALA D 32 -16.14 -0.21 -46.47
C ALA D 32 -15.47 -1.20 -45.52
N SER D 33 -15.83 -1.19 -44.25
CA SER D 33 -15.25 -2.16 -43.31
C SER D 33 -16.01 -2.11 -41.99
N TRP D 34 -16.69 -3.19 -41.65
CA TRP D 34 -17.32 -3.38 -40.33
C TRP D 34 -16.68 -4.58 -39.65
N ALA D 35 -17.10 -4.86 -38.41
CA ALA D 35 -16.56 -6.00 -37.68
C ALA D 35 -17.52 -6.41 -36.57
N LEU D 36 -17.36 -7.64 -36.10
CA LEU D 36 -18.16 -8.25 -35.04
C LEU D 36 -17.32 -8.43 -33.80
N VAL D 37 -18.00 -8.53 -32.65
CA VAL D 37 -17.36 -8.81 -31.36
C VAL D 37 -18.26 -9.74 -30.57
N GLU D 38 -17.65 -10.58 -29.72
CA GLU D 38 -18.33 -11.33 -28.66
C GLU D 38 -19.39 -12.26 -29.24
N GLY D 39 -18.92 -13.33 -29.89
CA GLY D 39 -19.77 -14.17 -30.70
C GLY D 39 -20.80 -15.09 -30.05
N GLY D 40 -21.27 -14.75 -28.84
CA GLY D 40 -22.58 -15.16 -28.34
C GLY D 40 -22.82 -16.66 -28.26
N ILE D 41 -24.09 -17.04 -28.47
CA ILE D 41 -24.60 -18.39 -28.29
C ILE D 41 -25.24 -18.85 -29.59
N SER D 42 -25.35 -20.18 -29.73
CA SER D 42 -25.75 -20.74 -31.00
C SER D 42 -27.21 -20.43 -31.34
N ARG D 43 -28.09 -20.46 -30.34
CA ARG D 43 -29.53 -20.46 -30.62
C ARG D 43 -29.99 -19.15 -31.26
N ASP D 44 -29.30 -18.05 -30.99
CA ASP D 44 -29.72 -16.75 -31.50
C ASP D 44 -29.24 -16.50 -32.93
N ALA D 45 -28.69 -17.50 -33.62
CA ALA D 45 -28.11 -17.29 -34.93
C ALA D 45 -29.13 -16.75 -35.91
N GLU D 46 -30.28 -17.43 -36.04
CA GLU D 46 -31.30 -16.95 -36.94
C GLU D 46 -31.91 -15.63 -36.49
N LEU D 47 -31.76 -15.25 -35.22
CA LEU D 47 -32.08 -13.88 -34.84
C LEU D 47 -31.00 -12.93 -35.32
N VAL D 48 -29.74 -13.25 -35.02
CA VAL D 48 -28.65 -12.31 -35.22
C VAL D 48 -28.48 -11.97 -36.69
N TRP D 49 -28.48 -13.00 -37.54
CA TRP D 49 -28.46 -12.79 -38.97
C TRP D 49 -29.65 -11.97 -39.42
N ALA D 50 -30.85 -12.30 -38.91
CA ALA D 50 -32.04 -11.53 -39.25
C ALA D 50 -31.91 -10.10 -38.77
N ASP D 51 -31.17 -9.88 -37.68
CA ASP D 51 -30.87 -8.52 -37.23
C ASP D 51 -29.77 -7.90 -38.08
N LEU D 52 -28.77 -8.69 -38.47
CA LEU D 52 -27.61 -8.15 -39.17
C LEU D 52 -27.99 -7.55 -40.52
N CYS D 53 -28.97 -8.15 -41.19
CA CYS D 53 -29.40 -7.64 -42.48
C CYS D 53 -30.07 -6.28 -42.38
N ARG D 54 -30.44 -5.82 -41.18
CA ARG D 54 -30.87 -4.43 -41.08
C ARG D 54 -29.75 -3.47 -41.42
N TRP D 55 -28.51 -3.80 -41.04
CA TRP D 55 -27.40 -2.87 -41.19
C TRP D 55 -26.63 -3.10 -42.49
N VAL D 56 -26.09 -4.31 -42.70
CA VAL D 56 -25.21 -4.56 -43.82
C VAL D 56 -25.95 -4.40 -45.13
N ALA D 57 -25.35 -3.64 -46.05
CA ALA D 57 -25.86 -3.62 -47.41
C ALA D 57 -25.59 -4.95 -48.11
N ASP D 58 -24.48 -5.61 -47.77
CA ASP D 58 -24.09 -6.87 -48.33
C ASP D 58 -23.28 -7.57 -47.25
N PRO D 59 -23.52 -8.85 -46.92
CA PRO D 59 -22.81 -9.44 -45.79
C PRO D 59 -21.33 -9.62 -46.03
N SER D 60 -20.91 -9.67 -47.30
CA SER D 60 -19.50 -9.85 -47.61
C SER D 60 -18.62 -8.71 -47.13
N GLN D 61 -19.20 -7.53 -46.87
CA GLN D 61 -18.42 -6.39 -46.47
C GLN D 61 -17.78 -6.61 -45.10
N VAL D 62 -18.38 -7.46 -44.27
CA VAL D 62 -17.84 -7.75 -42.95
C VAL D 62 -16.47 -8.42 -43.10
N HIS D 63 -15.54 -8.06 -42.22
CA HIS D 63 -14.18 -8.60 -42.23
C HIS D 63 -13.81 -9.32 -40.95
N TYR D 64 -13.88 -8.66 -39.80
CA TYR D 64 -13.25 -9.12 -38.57
C TYR D 64 -14.30 -9.53 -37.54
N TRP D 65 -14.07 -10.67 -36.92
CA TRP D 65 -14.83 -11.13 -35.77
C TRP D 65 -13.88 -11.18 -34.59
N LEU D 66 -14.31 -10.63 -33.47
CA LEU D 66 -13.54 -10.59 -32.24
C LEU D 66 -14.19 -11.50 -31.21
N ILE D 67 -13.38 -12.35 -30.59
CA ILE D 67 -13.84 -13.36 -29.63
C ILE D 67 -13.00 -13.26 -28.37
N THR D 68 -13.65 -13.43 -27.23
CA THR D 68 -13.03 -13.18 -25.94
C THR D 68 -12.47 -14.44 -25.30
N HIS D 69 -13.20 -15.55 -25.24
CA HIS D 69 -12.61 -16.79 -24.74
C HIS D 69 -13.45 -17.98 -25.22
N LYS D 70 -13.02 -19.17 -24.81
CA LYS D 70 -13.51 -20.43 -25.35
C LYS D 70 -14.83 -20.88 -24.77
N HIS D 71 -15.37 -20.20 -23.74
CA HIS D 71 -16.64 -20.63 -23.16
C HIS D 71 -17.76 -20.56 -24.20
N TYR D 72 -18.73 -21.46 -24.06
CA TYR D 72 -19.77 -21.58 -25.07
C TYR D 72 -20.63 -20.31 -25.16
N ASP D 73 -20.76 -19.56 -24.07
CA ASP D 73 -21.69 -18.47 -24.02
C ASP D 73 -21.31 -17.31 -24.93
N HIS D 74 -20.06 -17.26 -25.43
CA HIS D 74 -19.58 -16.19 -26.30
C HIS D 74 -19.03 -16.65 -27.63
N CYS D 75 -19.09 -17.94 -27.96
CA CYS D 75 -18.55 -18.43 -29.22
C CYS D 75 -19.50 -19.30 -30.01
N GLY D 76 -20.79 -19.16 -29.75
CA GLY D 76 -21.78 -20.00 -30.40
C GLY D 76 -22.02 -19.68 -31.85
N LEU D 77 -21.83 -18.44 -32.27
CA LEU D 77 -22.25 -18.03 -33.59
C LEU D 77 -21.25 -18.36 -34.70
N LEU D 78 -20.04 -18.83 -34.37
CA LEU D 78 -19.03 -18.98 -35.42
C LEU D 78 -19.39 -20.05 -36.43
N PRO D 79 -19.62 -21.32 -36.05
CA PRO D 79 -19.84 -22.34 -37.08
C PRO D 79 -21.14 -22.16 -37.86
N TYR D 80 -22.10 -21.39 -37.34
CA TYR D 80 -23.37 -21.20 -38.01
C TYR D 80 -23.40 -19.99 -38.94
N LEU D 81 -22.47 -19.05 -38.80
CA LEU D 81 -22.42 -17.84 -39.62
C LEU D 81 -21.09 -17.61 -40.31
N CYS D 82 -20.02 -18.25 -39.87
CA CYS D 82 -18.73 -18.03 -40.51
C CYS D 82 -18.72 -18.52 -41.96
N PRO D 83 -19.27 -19.69 -42.30
CA PRO D 83 -19.31 -20.06 -43.73
C PRO D 83 -20.10 -19.10 -44.60
N ARG D 84 -21.21 -18.55 -44.08
CA ARG D 84 -22.00 -17.63 -44.88
C ARG D 84 -21.44 -16.21 -44.90
N LEU D 85 -20.55 -15.87 -43.98
CA LEU D 85 -19.76 -14.65 -44.08
C LEU D 85 -18.42 -15.06 -44.70
N PRO D 86 -18.25 -15.04 -46.03
CA PRO D 86 -17.07 -15.69 -46.60
C PRO D 86 -15.77 -14.99 -46.28
N ASN D 87 -15.81 -13.67 -46.09
CA ASN D 87 -14.62 -12.87 -45.85
C ASN D 87 -14.39 -12.63 -44.36
N VAL D 88 -15.06 -13.37 -43.48
CA VAL D 88 -14.87 -13.20 -42.06
C VAL D 88 -13.45 -13.57 -41.67
N GLN D 89 -12.97 -13.00 -40.57
CA GLN D 89 -11.72 -13.41 -39.96
C GLN D 89 -11.88 -13.35 -38.45
N VAL D 90 -11.55 -14.46 -37.79
CA VAL D 90 -11.78 -14.63 -36.36
C VAL D 90 -10.48 -14.36 -35.62
N LEU D 91 -10.55 -13.48 -34.63
CA LEU D 91 -9.42 -13.13 -33.79
C LEU D 91 -9.68 -13.61 -32.38
N ALA D 92 -8.65 -14.17 -31.76
CA ALA D 92 -8.72 -14.63 -30.38
C ALA D 92 -7.32 -14.98 -29.94
N SER D 93 -7.17 -15.24 -28.65
CA SER D 93 -5.87 -15.68 -28.17
C SER D 93 -5.56 -17.08 -28.70
N GLU D 94 -4.26 -17.39 -28.74
CA GLU D 94 -3.85 -18.69 -29.27
C GLU D 94 -4.38 -19.83 -28.41
N ARG D 95 -4.49 -19.62 -27.10
CA ARG D 95 -5.00 -20.67 -26.24
C ARG D 95 -6.45 -20.98 -26.54
N THR D 96 -7.21 -19.98 -26.99
CA THR D 96 -8.53 -20.27 -27.56
C THR D 96 -8.38 -21.15 -28.79
N CYS D 97 -7.45 -20.80 -29.68
CA CYS D 97 -7.34 -21.49 -30.95
C CYS D 97 -6.94 -22.94 -30.77
N GLN D 98 -6.05 -23.21 -29.81
CA GLN D 98 -5.69 -24.59 -29.51
C GLN D 98 -6.90 -25.36 -29.02
N ALA D 99 -7.74 -24.72 -28.19
CA ALA D 99 -8.93 -25.39 -27.70
C ALA D 99 -9.90 -25.71 -28.83
N TRP D 100 -10.09 -24.77 -29.76
CA TRP D 100 -10.99 -25.03 -30.87
C TRP D 100 -10.46 -26.13 -31.78
N LYS D 101 -9.15 -26.12 -32.03
CA LYS D 101 -8.57 -27.15 -32.87
C LYS D 101 -8.66 -28.52 -32.21
N SER D 102 -8.62 -28.55 -30.89
CA SER D 102 -8.78 -29.81 -30.18
C SER D 102 -10.21 -30.33 -30.34
N GLU D 103 -10.33 -31.64 -30.58
CA GLU D 103 -11.65 -32.26 -30.61
C GLU D 103 -12.32 -32.17 -29.25
N SER D 104 -11.57 -32.40 -28.18
CA SER D 104 -12.11 -32.28 -26.85
C SER D 104 -12.44 -30.82 -26.54
N ALA D 105 -13.31 -30.63 -25.55
CA ALA D 105 -13.82 -29.32 -25.16
C ALA D 105 -14.55 -28.62 -26.31
N VAL D 106 -15.11 -29.40 -27.23
CA VAL D 106 -15.93 -28.90 -28.31
C VAL D 106 -17.28 -29.60 -28.34
N ARG D 107 -17.28 -30.93 -28.18
CA ARG D 107 -18.52 -31.67 -28.06
C ARG D 107 -19.31 -31.18 -26.85
N VAL D 108 -18.61 -30.86 -25.76
CA VAL D 108 -19.29 -30.24 -24.62
C VAL D 108 -19.85 -28.88 -24.99
N VAL D 109 -19.14 -28.13 -25.83
CA VAL D 109 -19.60 -26.80 -26.20
C VAL D 109 -20.87 -26.89 -27.02
N GLU D 110 -20.88 -27.73 -28.05
CA GLU D 110 -22.06 -27.86 -28.87
C GLU D 110 -23.21 -28.48 -28.08
N ARG D 111 -22.90 -29.38 -27.14
CA ARG D 111 -23.95 -29.93 -26.29
C ARG D 111 -24.60 -28.85 -25.43
N LEU D 112 -23.79 -28.00 -24.81
CA LEU D 112 -24.38 -26.93 -23.99
C LEU D 112 -25.12 -25.94 -24.85
N ASN D 113 -24.62 -25.67 -26.05
CA ASN D 113 -25.35 -24.78 -26.96
C ASN D 113 -26.71 -25.38 -27.34
N ARG D 114 -26.68 -26.62 -27.68
CA ARG D 114 -27.85 -27.29 -28.05
C ARG D 114 -28.67 -27.25 -26.84
N GLN D 115 -28.08 -27.42 -25.67
CA GLN D 115 -28.90 -27.49 -24.48
C GLN D 115 -29.63 -26.26 -24.14
N LEU D 116 -29.42 -25.16 -24.83
CA LEU D 116 -30.24 -23.99 -24.60
C LEU D 116 -31.34 -23.63 -25.64
N LEU D 117 -31.52 -24.44 -26.65
CA LEU D 117 -32.40 -24.07 -27.70
C LEU D 117 -33.83 -24.18 -27.50
N ARG D 118 -34.37 -23.06 -27.11
CA ARG D 118 -35.78 -22.83 -26.91
C ARG D 118 -36.41 -23.67 -27.99
N ALA D 119 -37.02 -24.76 -27.56
CA ALA D 119 -38.00 -25.55 -28.32
C ALA D 119 -37.55 -25.95 -29.75
N GLU D 120 -38.40 -26.36 -30.67
CA GLU D 120 -37.90 -27.02 -31.84
C GLU D 120 -37.14 -26.05 -32.69
N GLN D 121 -35.85 -25.96 -32.50
CA GLN D 121 -35.11 -25.12 -33.39
C GLN D 121 -33.98 -25.88 -34.02
N ARG D 122 -34.17 -26.37 -35.21
CA ARG D 122 -33.04 -26.98 -35.84
C ARG D 122 -32.18 -25.82 -36.18
N LEU D 123 -30.87 -25.90 -36.02
CA LEU D 123 -30.01 -24.77 -36.40
C LEU D 123 -29.74 -24.73 -37.94
N PRO D 124 -28.99 -23.71 -38.51
CA PRO D 124 -28.68 -23.87 -39.94
C PRO D 124 -27.44 -24.71 -40.16
N GLU D 125 -26.98 -24.81 -41.40
CA GLU D 125 -25.79 -25.62 -41.70
C GLU D 125 -24.59 -25.10 -40.93
N ALA D 126 -23.91 -26.02 -40.24
CA ALA D 126 -22.80 -25.72 -39.35
C ALA D 126 -21.55 -26.37 -39.90
N CYS D 127 -20.46 -25.60 -39.95
CA CYS D 127 -19.16 -26.12 -40.35
C CYS D 127 -18.38 -26.60 -39.13
N ALA D 128 -17.39 -27.45 -39.39
CA ALA D 128 -16.57 -27.99 -38.32
C ALA D 128 -15.74 -26.87 -37.70
N TRP D 129 -15.37 -27.07 -36.44
CA TRP D 129 -14.76 -25.98 -35.69
C TRP D 129 -13.33 -25.72 -36.14
N ASP D 130 -12.64 -26.73 -36.63
CA ASP D 130 -11.23 -26.56 -36.99
C ASP D 130 -11.06 -25.80 -38.29
N ALA D 131 -11.98 -26.00 -39.25
CA ALA D 131 -11.75 -25.49 -40.59
C ALA D 131 -11.98 -24.00 -40.73
N LEU D 132 -12.73 -23.37 -39.81
CA LEU D 132 -13.10 -21.97 -39.98
C LEU D 132 -11.87 -21.09 -39.83
N PRO D 133 -11.86 -19.91 -40.46
CA PRO D 133 -10.61 -19.13 -40.53
C PRO D 133 -10.33 -18.41 -39.22
N VAL D 134 -9.14 -18.63 -38.69
CA VAL D 134 -8.68 -18.00 -37.46
C VAL D 134 -7.25 -17.55 -37.69
N ARG D 135 -6.91 -16.39 -37.16
CA ARG D 135 -5.54 -15.90 -37.08
C ARG D 135 -5.36 -15.43 -35.65
N ALA D 136 -4.83 -16.30 -34.79
CA ALA D 136 -4.72 -15.99 -33.39
C ALA D 136 -3.77 -14.82 -33.17
N VAL D 137 -3.97 -14.12 -32.05
CA VAL D 137 -3.26 -12.90 -31.73
C VAL D 137 -2.73 -13.01 -30.31
N ALA D 138 -1.52 -12.51 -30.09
CA ALA D 138 -0.81 -12.63 -28.83
C ALA D 138 -1.08 -11.41 -27.95
N ASP D 139 -0.38 -11.32 -26.84
CA ASP D 139 -0.54 -10.20 -25.91
C ASP D 139 0.01 -8.92 -26.52
N GLY D 140 -0.70 -7.82 -26.28
CA GLY D 140 -0.21 -6.51 -26.62
C GLY D 140 -0.13 -6.19 -28.10
N GLU D 141 -0.62 -7.07 -28.96
CA GLU D 141 -0.54 -6.83 -30.39
C GLU D 141 -1.45 -5.68 -30.79
N TRP D 142 -0.90 -4.72 -31.53
CA TRP D 142 -1.69 -3.61 -32.03
C TRP D 142 -2.42 -4.05 -33.29
N LEU D 143 -3.71 -3.74 -33.36
CA LEU D 143 -4.59 -4.26 -34.39
C LEU D 143 -5.03 -3.13 -35.31
N GLU D 144 -4.75 -3.28 -36.60
CA GLU D 144 -5.14 -2.30 -37.61
C GLU D 144 -6.43 -2.81 -38.26
N LEU D 145 -7.52 -2.65 -37.52
CA LEU D 145 -8.84 -2.96 -38.09
C LEU D 145 -9.14 -2.04 -39.25
N GLY D 146 -8.87 -0.75 -39.08
CA GLY D 146 -9.16 0.26 -40.07
C GLY D 146 -8.48 1.55 -39.69
N PRO D 147 -8.68 2.60 -40.48
CA PRO D 147 -7.98 3.86 -40.18
C PRO D 147 -8.36 4.47 -38.84
N ARG D 148 -9.62 4.32 -38.42
CA ARG D 148 -10.06 4.98 -37.19
C ARG D 148 -9.70 4.17 -35.96
N HIS D 149 -10.26 2.97 -35.83
CA HIS D 149 -10.04 2.14 -34.65
C HIS D 149 -8.72 1.40 -34.72
N ARG D 150 -7.96 1.48 -33.63
CA ARG D 150 -6.75 0.70 -33.41
C ARG D 150 -6.94 0.07 -32.04
N LEU D 151 -7.50 -1.12 -32.02
CA LEU D 151 -7.73 -1.82 -30.76
C LEU D 151 -6.40 -2.30 -30.20
N GLN D 152 -6.44 -2.81 -28.96
CA GLN D 152 -5.28 -3.40 -28.32
C GLN D 152 -5.74 -4.62 -27.54
N VAL D 153 -4.97 -5.70 -27.66
CA VAL D 153 -5.24 -6.94 -26.96
C VAL D 153 -4.47 -6.92 -25.67
N ILE D 154 -5.17 -7.13 -24.54
CA ILE D 154 -4.55 -7.26 -23.23
C ILE D 154 -4.78 -8.68 -22.75
N GLU D 155 -3.71 -9.34 -22.32
CA GLU D 155 -3.76 -10.72 -21.86
C GLU D 155 -4.37 -10.72 -20.46
N ALA D 156 -5.69 -10.63 -20.43
CA ALA D 156 -6.45 -10.54 -19.18
C ALA D 156 -6.99 -11.92 -18.85
N HIS D 157 -6.16 -12.72 -18.19
CA HIS D 157 -6.51 -14.06 -17.77
C HIS D 157 -7.20 -14.04 -16.41
N GLY D 158 -7.88 -15.15 -16.11
CA GLY D 158 -8.43 -15.41 -14.80
C GLY D 158 -9.86 -15.89 -14.84
N HIS D 159 -10.72 -15.28 -15.65
CA HIS D 159 -12.02 -15.86 -15.88
C HIS D 159 -11.88 -17.18 -16.61
N SER D 160 -10.88 -17.29 -17.45
CA SER D 160 -10.49 -18.57 -18.01
C SER D 160 -9.00 -18.50 -18.31
N ASP D 161 -8.43 -19.66 -18.61
CA ASP D 161 -7.01 -19.75 -18.88
C ASP D 161 -6.57 -19.06 -20.18
N ASP D 162 -7.50 -18.64 -21.04
CA ASP D 162 -7.21 -18.01 -22.32
C ASP D 162 -7.85 -16.65 -22.53
N HIS D 163 -8.46 -16.07 -21.49
CA HIS D 163 -9.26 -14.86 -21.66
C HIS D 163 -8.41 -13.66 -22.03
N VAL D 164 -8.92 -12.88 -22.97
CA VAL D 164 -8.31 -11.61 -23.37
C VAL D 164 -9.41 -10.57 -23.53
N VAL D 165 -9.00 -9.31 -23.45
CA VAL D 165 -9.89 -8.15 -23.57
C VAL D 165 -9.31 -7.21 -24.61
N PHE D 166 -10.18 -6.40 -25.19
CA PHE D 166 -9.93 -5.64 -26.39
C PHE D 166 -10.15 -4.17 -26.07
N TYR D 167 -9.05 -3.42 -26.00
CA TYR D 167 -9.06 -2.00 -25.63
C TYR D 167 -8.70 -1.14 -26.83
N ASP D 168 -9.40 -0.01 -26.95
CA ASP D 168 -9.10 1.02 -27.93
C ASP D 168 -8.59 2.25 -27.18
N VAL D 169 -7.46 2.80 -27.62
CA VAL D 169 -6.93 4.00 -27.01
C VAL D 169 -7.63 5.26 -27.52
N ARG D 170 -8.21 5.22 -28.72
CA ARG D 170 -8.77 6.43 -29.32
C ARG D 170 -9.96 6.94 -28.52
N ARG D 171 -11.04 6.14 -28.46
CA ARG D 171 -12.28 6.52 -27.79
C ARG D 171 -12.48 5.85 -26.45
N ARG D 172 -11.55 5.01 -26.00
CA ARG D 172 -11.49 4.57 -24.62
C ARG D 172 -12.71 3.73 -24.23
N ARG D 173 -13.01 2.73 -25.05
CA ARG D 173 -13.94 1.65 -24.72
C ARG D 173 -13.15 0.37 -24.56
N LEU D 174 -13.81 -0.65 -24.01
CA LEU D 174 -13.12 -1.89 -23.63
C LEU D 174 -14.13 -3.02 -23.67
N PHE D 175 -13.98 -3.92 -24.63
CA PHE D 175 -14.84 -5.09 -24.73
C PHE D 175 -14.35 -6.10 -23.69
N CYS D 176 -14.89 -6.00 -22.48
CA CYS D 176 -14.37 -6.82 -21.39
C CYS D 176 -14.76 -8.29 -21.54
N GLY D 177 -15.97 -8.56 -22.00
CA GLY D 177 -16.45 -9.93 -21.95
C GLY D 177 -16.74 -10.32 -20.51
N ASP D 178 -15.96 -11.26 -19.96
CA ASP D 178 -16.12 -11.72 -18.58
C ASP D 178 -14.82 -11.54 -17.77
N ALA D 179 -13.90 -10.69 -18.20
CA ALA D 179 -12.74 -10.43 -17.36
C ALA D 179 -13.17 -9.77 -16.06
N LEU D 180 -13.94 -8.70 -16.16
CA LEU D 180 -14.54 -8.13 -14.96
C LEU D 180 -15.62 -9.04 -14.42
N GLY D 181 -16.37 -9.70 -15.30
CA GLY D 181 -17.46 -10.56 -14.94
C GLY D 181 -18.80 -9.89 -15.19
N GLU D 182 -19.86 -10.60 -14.84
CA GLU D 182 -21.21 -10.18 -15.18
C GLU D 182 -21.55 -8.92 -14.39
N PHE D 183 -22.57 -8.19 -14.86
CA PHE D 183 -23.06 -6.97 -14.24
C PHE D 183 -24.46 -7.24 -13.68
N ASP D 184 -24.64 -6.96 -12.41
CA ASP D 184 -25.92 -7.16 -11.72
C ASP D 184 -26.73 -5.87 -11.86
N GLU D 185 -27.71 -5.87 -12.77
CA GLU D 185 -28.50 -4.66 -12.96
C GLU D 185 -29.40 -4.39 -11.76
N ALA D 186 -29.94 -5.45 -11.15
CA ALA D 186 -30.83 -5.27 -10.01
C ALA D 186 -30.11 -4.64 -8.83
N GLU D 187 -28.87 -5.08 -8.56
CA GLU D 187 -28.07 -4.56 -7.48
C GLU D 187 -26.99 -3.57 -7.94
N GLY D 188 -26.82 -3.38 -9.24
CA GLY D 188 -25.97 -2.31 -9.73
C GLY D 188 -24.49 -2.47 -9.45
N VAL D 189 -24.04 -3.65 -9.05
CA VAL D 189 -22.65 -3.89 -8.68
C VAL D 189 -22.17 -5.09 -9.47
N TRP D 190 -20.86 -5.14 -9.69
CA TRP D 190 -20.30 -6.16 -10.55
C TRP D 190 -20.37 -7.53 -9.89
N ARG D 191 -20.17 -8.55 -10.72
CA ARG D 191 -20.28 -9.95 -10.33
C ARG D 191 -18.95 -10.65 -10.54
N PRO D 192 -18.30 -11.21 -9.52
CA PRO D 192 -17.09 -11.97 -9.81
C PRO D 192 -17.43 -13.25 -10.56
N LEU D 193 -16.52 -13.65 -11.44
CA LEU D 193 -16.68 -14.87 -12.21
C LEU D 193 -15.28 -15.41 -12.47
N VAL D 194 -14.84 -16.33 -11.62
CA VAL D 194 -13.51 -16.94 -11.72
C VAL D 194 -13.72 -18.43 -11.87
N PHE D 195 -13.01 -19.03 -12.82
CA PHE D 195 -13.15 -20.44 -13.13
C PHE D 195 -11.84 -21.18 -13.34
N ASP D 196 -10.69 -20.51 -13.42
CA ASP D 196 -9.39 -21.17 -13.39
C ASP D 196 -8.50 -20.71 -12.25
N ASP D 197 -8.24 -19.41 -12.14
CA ASP D 197 -7.15 -18.92 -11.30
C ASP D 197 -7.50 -17.58 -10.72
N MET D 198 -7.70 -17.54 -9.41
CA MET D 198 -7.86 -16.27 -8.71
C MET D 198 -6.62 -15.41 -8.85
N GLU D 199 -5.44 -15.99 -8.62
CA GLU D 199 -4.20 -15.21 -8.52
C GLU D 199 -3.90 -14.48 -9.82
N ALA D 200 -4.19 -15.11 -10.95
CA ALA D 200 -4.09 -14.43 -12.23
C ALA D 200 -5.20 -13.41 -12.42
N TYR D 201 -6.40 -13.69 -11.87
CA TYR D 201 -7.54 -12.83 -12.13
C TYR D 201 -7.35 -11.45 -11.51
N LEU D 202 -6.89 -11.41 -10.26
CA LEU D 202 -6.74 -10.13 -9.59
C LEU D 202 -5.67 -9.26 -10.26
N GLU D 203 -4.53 -9.85 -10.63
CA GLU D 203 -3.52 -9.05 -11.30
C GLU D 203 -3.98 -8.68 -12.71
N SER D 204 -4.82 -9.51 -13.33
CA SER D 204 -5.42 -9.09 -14.60
C SER D 204 -6.30 -7.87 -14.42
N LEU D 205 -7.09 -7.84 -13.34
CA LEU D 205 -7.90 -6.66 -13.09
C LEU D 205 -7.03 -5.46 -12.77
N GLU D 206 -5.90 -5.66 -12.09
CA GLU D 206 -4.99 -4.55 -11.86
C GLU D 206 -4.46 -3.99 -13.17
N ARG D 207 -4.08 -4.88 -14.09
CA ARG D 207 -3.66 -4.40 -15.42
C ARG D 207 -4.80 -3.70 -16.13
N LEU D 208 -6.04 -4.14 -15.91
CA LEU D 208 -7.18 -3.42 -16.47
C LEU D 208 -7.33 -2.05 -15.84
N GLN D 209 -7.08 -1.94 -14.55
CA GLN D 209 -7.31 -0.68 -13.84
C GLN D 209 -6.26 0.35 -14.18
N ARG D 210 -5.02 -0.08 -14.42
CA ARG D 210 -3.95 0.85 -14.77
C ARG D 210 -4.16 1.52 -16.12
N LEU D 211 -5.07 1.03 -16.97
CA LEU D 211 -5.43 1.71 -18.22
C LEU D 211 -6.02 3.09 -17.95
N PRO D 212 -6.19 3.94 -18.96
CA PRO D 212 -6.76 5.27 -18.71
C PRO D 212 -8.19 5.19 -18.21
N THR D 213 -8.74 6.34 -17.87
CA THR D 213 -10.13 6.41 -17.43
C THR D 213 -11.03 6.03 -18.58
N LEU D 214 -11.71 4.89 -18.47
CA LEU D 214 -12.52 4.39 -19.57
C LEU D 214 -13.74 5.27 -19.78
N LEU D 215 -13.95 5.71 -21.02
CA LEU D 215 -15.14 6.45 -21.36
C LEU D 215 -16.35 5.54 -21.49
N GLN D 216 -16.15 4.32 -21.99
CA GLN D 216 -17.21 3.35 -22.22
C GLN D 216 -16.70 1.98 -21.79
N LEU D 217 -17.63 1.07 -21.58
CA LEU D 217 -17.28 -0.28 -21.13
C LEU D 217 -18.35 -1.26 -21.58
N ILE D 218 -17.92 -2.34 -22.22
CA ILE D 218 -18.81 -3.31 -22.82
C ILE D 218 -18.43 -4.68 -22.25
N PRO D 219 -19.11 -5.17 -21.22
CA PRO D 219 -18.95 -6.57 -20.85
C PRO D 219 -19.70 -7.48 -21.82
N GLY D 220 -19.50 -8.77 -21.64
CA GLY D 220 -20.14 -9.75 -22.48
C GLY D 220 -21.59 -10.00 -22.17
N HIS D 221 -22.14 -9.37 -21.13
CA HIS D 221 -23.55 -9.42 -20.81
C HIS D 221 -23.97 -8.04 -20.34
N GLY D 222 -25.24 -7.70 -20.56
CA GLY D 222 -25.75 -6.43 -20.10
C GLY D 222 -25.46 -5.24 -20.99
N GLY D 223 -24.84 -5.44 -22.14
CA GLY D 223 -24.69 -4.36 -23.08
C GLY D 223 -23.65 -3.33 -22.65
N LEU D 224 -23.70 -2.19 -23.35
CA LEU D 224 -22.72 -1.14 -23.14
C LEU D 224 -23.00 -0.39 -21.84
N LEU D 225 -21.92 -0.04 -21.14
CA LEU D 225 -21.96 0.83 -19.98
C LEU D 225 -21.26 2.14 -20.31
N ARG D 226 -21.81 3.23 -19.76
CA ARG D 226 -21.47 4.58 -20.15
C ARG D 226 -21.34 5.43 -18.91
N GLY D 227 -20.38 6.35 -18.93
CA GLY D 227 -20.26 7.34 -17.89
C GLY D 227 -19.42 6.92 -16.71
N ARG D 228 -19.93 7.20 -15.51
CA ARG D 228 -19.13 7.00 -14.30
C ARG D 228 -18.76 5.55 -14.11
N LEU D 229 -19.69 4.63 -14.39
CA LEU D 229 -19.42 3.21 -14.22
C LEU D 229 -18.34 2.71 -15.17
N ALA D 230 -18.09 3.41 -16.28
CA ALA D 230 -16.99 3.03 -17.14
C ALA D 230 -15.66 3.18 -16.42
N ALA D 231 -15.50 4.25 -15.64
CA ALA D 231 -14.21 4.56 -15.05
C ALA D 231 -13.83 3.54 -14.00
N ASP D 232 -14.60 3.46 -12.92
CA ASP D 232 -14.26 2.61 -11.78
C ASP D 232 -14.78 1.18 -11.95
N GLY D 233 -15.13 0.78 -13.17
CA GLY D 233 -15.55 -0.59 -13.39
C GLY D 233 -14.43 -1.57 -13.08
N ALA D 234 -13.19 -1.19 -13.40
CA ALA D 234 -12.05 -2.03 -13.02
C ALA D 234 -11.95 -2.16 -11.51
N GLU D 235 -12.14 -1.06 -10.79
CA GLU D 235 -12.02 -1.08 -9.34
C GLU D 235 -13.11 -1.93 -8.70
N SER D 236 -14.33 -1.86 -9.24
CA SER D 236 -15.44 -2.55 -8.61
C SER D 236 -15.30 -4.06 -8.74
N ALA D 237 -14.71 -4.54 -9.83
CA ALA D 237 -14.49 -5.98 -9.97
C ALA D 237 -13.50 -6.48 -8.92
N TYR D 238 -12.42 -5.74 -8.73
CA TYR D 238 -11.43 -6.04 -7.70
C TYR D 238 -12.11 -6.09 -6.34
N THR D 239 -12.92 -5.07 -6.07
CA THR D 239 -13.68 -4.98 -4.83
C THR D 239 -14.56 -6.21 -4.64
N GLU D 240 -15.33 -6.57 -5.66
CA GLU D 240 -16.31 -7.63 -5.48
C GLU D 240 -15.64 -8.98 -5.33
N CYS D 241 -14.53 -9.20 -6.03
CA CYS D 241 -13.82 -10.45 -5.86
C CYS D 241 -13.29 -10.60 -4.44
N LEU D 242 -12.69 -9.53 -3.90
CA LEU D 242 -12.27 -9.60 -2.50
C LEU D 242 -13.46 -9.74 -1.56
N ARG D 243 -14.59 -9.13 -1.90
CA ARG D 243 -15.78 -9.25 -1.07
C ARG D 243 -16.25 -10.68 -0.97
N LEU D 244 -16.38 -11.34 -2.12
CA LEU D 244 -16.89 -12.69 -2.11
C LEU D 244 -15.88 -13.65 -1.51
N CYS D 245 -14.59 -13.35 -1.64
CA CYS D 245 -13.58 -14.12 -0.92
CA CYS D 245 -13.58 -14.12 -0.92
C CYS D 245 -13.76 -13.99 0.59
N ARG D 246 -14.03 -12.76 1.06
CA ARG D 246 -14.27 -12.56 2.48
C ARG D 246 -15.48 -13.34 2.93
N ARG D 247 -16.54 -13.35 2.12
CA ARG D 247 -17.73 -14.11 2.47
C ARG D 247 -17.44 -15.60 2.56
N LEU D 248 -16.69 -16.14 1.60
CA LEU D 248 -16.34 -17.56 1.62
C LEU D 248 -15.52 -17.90 2.86
N LEU D 249 -14.45 -17.16 3.12
CA LEU D 249 -13.64 -17.49 4.29
C LEU D 249 -14.40 -17.29 5.58
N TRP D 250 -15.29 -16.30 5.64
CA TRP D 250 -16.06 -16.10 6.85
C TRP D 250 -16.98 -17.26 7.12
N ARG D 251 -17.72 -17.69 6.10
CA ARG D 251 -18.63 -18.81 6.31
C ARG D 251 -17.88 -20.11 6.58
N GLN D 252 -16.70 -20.27 5.97
CA GLN D 252 -15.89 -21.43 6.30
C GLN D 252 -15.47 -21.42 7.76
N SER D 253 -15.10 -20.25 8.27
CA SER D 253 -14.75 -20.15 9.69
C SER D 253 -15.94 -20.45 10.56
N MET D 254 -17.12 -19.95 10.18
CA MET D 254 -18.33 -20.25 10.92
C MET D 254 -18.62 -21.75 10.90
N GLY D 255 -18.29 -22.43 9.81
CA GLY D 255 -18.46 -23.87 9.72
C GLY D 255 -19.41 -24.31 8.62
N GLU D 256 -20.14 -23.40 8.00
CA GLU D 256 -20.98 -23.77 6.87
C GLU D 256 -20.11 -24.27 5.74
N SER D 257 -20.52 -25.37 5.13
CA SER D 257 -19.84 -25.89 3.96
C SER D 257 -20.10 -24.98 2.77
N LEU D 258 -19.34 -25.20 1.70
CA LEU D 258 -19.57 -24.44 0.47
C LEU D 258 -20.93 -24.72 -0.13
N ASP D 259 -21.52 -25.90 0.14
CA ASP D 259 -22.79 -26.27 -0.47
C ASP D 259 -23.90 -25.33 -0.07
N GLU D 260 -23.90 -24.87 1.18
CA GLU D 260 -24.88 -23.87 1.59
C GLU D 260 -24.68 -22.57 0.83
N LEU D 261 -23.42 -22.13 0.71
CA LEU D 261 -23.15 -20.87 0.02
C LEU D 261 -23.50 -20.97 -1.45
N SER D 262 -23.29 -22.13 -2.07
CA SER D 262 -23.63 -22.27 -3.47
C SER D 262 -25.12 -22.14 -3.70
N GLU D 263 -25.93 -22.77 -2.84
CA GLU D 263 -27.38 -22.62 -2.92
C GLU D 263 -27.78 -21.17 -2.68
N GLU D 264 -27.15 -20.52 -1.70
CA GLU D 264 -27.49 -19.13 -1.38
C GLU D 264 -27.20 -18.23 -2.57
N LEU D 265 -26.02 -18.38 -3.16
CA LEU D 265 -25.67 -17.57 -4.32
C LEU D 265 -26.61 -17.86 -5.47
N HIS D 266 -26.97 -19.13 -5.67
CA HIS D 266 -27.84 -19.48 -6.80
C HIS D 266 -29.19 -18.81 -6.65
N ARG D 267 -29.84 -18.96 -5.51
CA ARG D 267 -31.15 -18.36 -5.32
C ARG D 267 -31.09 -16.84 -5.30
N ALA D 268 -29.97 -16.27 -4.86
CA ALA D 268 -29.85 -14.81 -4.83
C ALA D 268 -29.60 -14.21 -6.21
N TRP D 269 -28.92 -14.95 -7.11
CA TRP D 269 -28.31 -14.36 -8.29
C TRP D 269 -28.68 -14.98 -9.63
N GLY D 270 -29.36 -16.13 -9.68
CA GLY D 270 -29.57 -16.75 -10.98
C GLY D 270 -30.64 -16.12 -11.84
N GLY D 271 -31.27 -15.02 -11.39
CA GLY D 271 -32.35 -14.44 -12.16
C GLY D 271 -31.92 -13.94 -13.52
N GLN D 272 -30.76 -13.29 -13.59
CA GLN D 272 -30.21 -12.91 -14.88
C GLN D 272 -29.87 -14.12 -15.72
N SER D 273 -29.37 -15.16 -15.08
CA SER D 273 -28.80 -16.30 -15.78
C SER D 273 -29.85 -17.30 -16.26
N VAL D 274 -31.10 -17.17 -15.84
CA VAL D 274 -32.13 -18.16 -16.18
C VAL D 274 -32.32 -18.32 -17.69
N ASP D 275 -32.09 -17.25 -18.46
CA ASP D 275 -32.37 -17.35 -19.89
C ASP D 275 -31.31 -18.16 -20.64
N PHE D 276 -30.04 -17.99 -20.27
CA PHE D 276 -28.91 -18.45 -21.07
C PHE D 276 -27.93 -19.31 -20.28
N LEU D 277 -28.37 -19.92 -19.19
CA LEU D 277 -27.58 -20.88 -18.42
C LEU D 277 -28.55 -21.90 -17.83
N PRO D 278 -28.26 -23.20 -17.94
CA PRO D 278 -28.96 -24.16 -17.09
C PRO D 278 -28.78 -23.80 -15.63
N GLY D 279 -29.88 -23.85 -14.88
CA GLY D 279 -29.80 -23.56 -13.45
C GLY D 279 -28.95 -24.59 -12.73
N GLU D 280 -29.11 -25.87 -13.09
CA GLU D 280 -28.34 -26.92 -12.44
C GLU D 280 -26.85 -26.78 -12.72
N LEU D 281 -26.50 -26.42 -13.96
CA LEU D 281 -25.11 -26.19 -14.29
C LEU D 281 -24.59 -24.89 -13.70
N HIS D 282 -25.46 -23.90 -13.47
CA HIS D 282 -25.03 -22.68 -12.81
C HIS D 282 -24.59 -22.97 -11.38
N LEU D 283 -25.29 -23.88 -10.71
CA LEU D 283 -24.89 -24.29 -9.36
C LEU D 283 -23.51 -24.93 -9.37
N GLY D 284 -23.26 -25.83 -10.32
CA GLY D 284 -21.95 -26.42 -10.42
C GLY D 284 -20.88 -25.40 -10.75
N SER D 285 -21.24 -24.37 -11.52
CA SER D 285 -20.32 -23.28 -11.79
C SER D 285 -19.94 -22.56 -10.51
N MET D 286 -20.92 -22.24 -9.67
CA MET D 286 -20.57 -21.63 -8.39
C MET D 286 -19.76 -22.59 -7.52
N ARG D 287 -20.02 -23.89 -7.60
CA ARG D 287 -19.24 -24.83 -6.81
C ARG D 287 -17.78 -24.79 -7.22
N ARG D 288 -17.51 -24.84 -8.52
CA ARG D 288 -16.13 -24.77 -8.99
C ARG D 288 -15.50 -23.44 -8.62
N MET D 289 -16.26 -22.35 -8.77
CA MET D 289 -15.79 -21.02 -8.41
C MET D 289 -15.38 -20.93 -6.95
N LEU D 290 -16.27 -21.32 -6.06
CA LEU D 290 -16.00 -21.15 -4.65
C LEU D 290 -14.93 -22.12 -4.19
N GLU D 291 -14.82 -23.29 -4.82
CA GLU D 291 -13.72 -24.18 -4.50
C GLU D 291 -12.38 -23.57 -4.88
N ILE D 292 -12.32 -22.92 -6.05
CA ILE D 292 -11.08 -22.28 -6.49
C ILE D 292 -10.71 -21.15 -5.53
N LEU D 293 -11.71 -20.35 -5.14
CA LEU D 293 -11.44 -19.27 -4.21
C LEU D 293 -10.98 -19.80 -2.86
N SER D 294 -11.60 -20.89 -2.38
CA SER D 294 -11.20 -21.48 -1.12
C SER D 294 -9.76 -21.94 -1.17
N ARG D 295 -9.35 -22.53 -2.30
CA ARG D 295 -7.98 -22.99 -2.41
C ARG D 295 -7.00 -21.82 -2.43
N GLN D 296 -7.28 -20.80 -3.24
CA GLN D 296 -6.25 -19.79 -3.54
C GLN D 296 -6.26 -18.58 -2.61
N ALA D 297 -7.39 -18.22 -2.00
CA ALA D 297 -7.39 -17.07 -1.12
C ALA D 297 -6.67 -17.40 0.18
N LEU D 298 -6.73 -16.45 1.12
CA LEU D 298 -5.96 -16.51 2.37
C LEU D 298 -6.81 -16.20 3.60
#